data_3AXK
#
_entry.id   3AXK
#
_cell.length_a   110.246
_cell.length_b   110.246
_cell.length_c   199.768
_cell.angle_alpha   90.00
_cell.angle_beta   90.00
_cell.angle_gamma   90.00
#
_symmetry.space_group_name_H-M   'I 4'
#
loop_
_entity.id
_entity.type
_entity.pdbx_description
1 polymer 'Ribulose bisphosphate carboxylase large chain'
2 polymer 'Ribulose bisphosphate carboxylase small chain, chloroplastic'
3 non-polymer GLYCEROL
4 non-polymer 'MAGNESIUM ION'
5 non-polymer 'NADPH DIHYDRO-NICOTINAMIDE-ADENINE-DINUCLEOTIDE PHOSPHATE'
6 water water
#
loop_
_entity_poly.entity_id
_entity_poly.type
_entity_poly.pdbx_seq_one_letter_code
_entity_poly.pdbx_strand_id
1 'polypeptide(L)'
;MSPQTETKASVGFKAGVKDYKLTYYTPEYETKDTDILAAFRVTPQPGVPPEEAGAAVAAESSTGTWTTVWTDGLTSLDRY
KGRCYHIEPVVGEDNQYIAYVAYPLDLFEEGSVTNMFTSIVGNVFGFKALRALRLEDLRIPPTYSKTFQGPPHGIQVERD
KLNKYGRPLLGCTIKPKLGLSAKNYGRACYECLRGGLDFT(KCX)DDENVNSQPFMRWRDRFVFCAEAIYKSQAETGEIK
GHYLNATAGTCEEMIKRAVFARELGVPIVMHDYLTGGFTANTSLAHYCRDNGLLLHIHRAMHAVIDRQKNHGMHFRVLAK
ALRMSGGDHIHAGTVVGKLEGEREMTLGFVDLLRDDFIEKDRARGIFFTQDWVSMPGVIPVASGGIHVWHMPALTEIFGD
DSVLQFGGGTLGHPWGNAPGAAANRVALEACVQARNEGRDLAREGNEIIRSACKWSPELAAACEIWKAIKFEFEPVDKLD
S
;
A,B
2 'polypeptide(L)'
;(NME)MQVWPIEGIKKFETLSYLPPLTVEDLLKQIEYLLRSKWVPCLEFSKVGFVYRENHRSPGYYDGRYWTMWKLPMFG
CTDATQVLKELEEAKKAYPDAFVRIIGFDNVRQVQCISFIAYKPPGCEESGGN
;
S,T
#
# COMPACT_ATOMS: atom_id res chain seq x y z
N TYR A 20 29.66 -3.17 -11.87
CA TYR A 20 31.03 -2.95 -11.32
C TYR A 20 30.93 -2.53 -9.86
N LYS A 21 31.82 -3.08 -9.04
CA LYS A 21 31.82 -2.75 -7.63
C LYS A 21 32.10 -1.26 -7.43
N LEU A 22 33.03 -0.71 -8.20
CA LEU A 22 33.36 0.69 -8.01
C LEU A 22 32.72 1.70 -8.93
N THR A 23 31.63 1.26 -9.57
CA THR A 23 30.82 2.17 -10.36
C THR A 23 29.81 2.49 -9.28
N TYR A 24 29.34 1.44 -8.60
CA TYR A 24 28.33 1.58 -7.55
C TYR A 24 28.81 1.57 -6.10
N TYR A 25 30.02 1.11 -5.84
CA TYR A 25 30.55 1.13 -4.49
C TYR A 25 31.55 2.27 -4.51
N THR A 26 31.18 3.37 -3.86
CA THR A 26 32.01 4.57 -3.83
C THR A 26 32.24 5.01 -2.38
N PRO A 27 33.11 4.28 -1.66
CA PRO A 27 33.44 4.56 -0.26
C PRO A 27 33.99 5.94 0.06
N GLU A 28 34.40 6.70 -0.95
CA GLU A 28 34.96 8.03 -0.71
C GLU A 28 33.98 9.13 -1.13
N TYR A 29 32.78 8.72 -1.52
CA TYR A 29 31.74 9.66 -1.93
C TYR A 29 31.23 10.46 -0.75
N GLU A 30 31.09 11.77 -0.94
CA GLU A 30 30.58 12.65 0.09
C GLU A 30 29.13 12.92 -0.26
N THR A 31 28.21 12.60 0.64
CA THR A 31 26.80 12.81 0.37
C THR A 31 26.47 14.28 0.16
N LYS A 32 25.52 14.54 -0.74
CA LYS A 32 25.08 15.89 -1.04
C LYS A 32 23.91 16.21 -0.12
N ASP A 33 23.74 17.48 0.22
CA ASP A 33 22.65 17.89 1.10
C ASP A 33 21.28 17.63 0.46
N THR A 34 21.27 17.33 -0.84
CA THR A 34 20.02 17.06 -1.56
C THR A 34 19.77 15.58 -1.82
N ASP A 35 20.73 14.73 -1.46
CA ASP A 35 20.56 13.29 -1.67
C ASP A 35 19.56 12.70 -0.69
N ILE A 36 18.90 11.62 -1.09
CA ILE A 36 18.03 10.91 -0.19
C ILE A 36 18.94 9.76 0.19
N LEU A 37 19.19 9.58 1.48
CA LEU A 37 20.08 8.52 1.92
C LEU A 37 19.29 7.36 2.50
N ALA A 38 19.83 6.15 2.34
CA ALA A 38 19.19 4.96 2.86
C ALA A 38 20.20 4.09 3.59
N ALA A 39 19.73 3.46 4.66
CA ALA A 39 20.55 2.55 5.47
C ALA A 39 19.87 1.18 5.36
N PHE A 40 20.54 0.26 4.66
CA PHE A 40 20.02 -1.09 4.47
C PHE A 40 20.76 -2.12 5.33
N ARG A 41 20.03 -3.05 5.92
CA ARG A 41 20.64 -4.13 6.69
C ARG A 41 20.69 -5.24 5.64
N VAL A 42 21.89 -5.54 5.15
CA VAL A 42 22.07 -6.54 4.10
C VAL A 42 22.67 -7.87 4.55
N THR A 43 22.07 -8.96 4.07
CA THR A 43 22.57 -10.29 4.39
C THR A 43 22.93 -10.94 3.06
N PRO A 44 24.20 -10.83 2.64
CA PRO A 44 24.67 -11.40 1.38
C PRO A 44 24.57 -12.92 1.36
N GLN A 45 24.48 -13.48 0.16
CA GLN A 45 24.44 -14.93 -0.01
C GLN A 45 25.88 -15.38 0.22
N PRO A 46 26.09 -16.66 0.54
CA PRO A 46 27.46 -17.14 0.76
C PRO A 46 28.28 -16.91 -0.51
N GLY A 47 29.48 -16.37 -0.36
CA GLY A 47 30.33 -16.12 -1.51
C GLY A 47 30.24 -14.72 -2.08
N VAL A 48 29.37 -13.89 -1.51
CA VAL A 48 29.22 -12.52 -1.99
C VAL A 48 29.90 -11.54 -1.04
N PRO A 49 31.01 -10.92 -1.49
CA PRO A 49 31.74 -9.96 -0.66
C PRO A 49 30.85 -8.77 -0.27
N PRO A 50 31.09 -8.18 0.91
CA PRO A 50 30.28 -7.04 1.35
C PRO A 50 30.29 -5.86 0.37
N GLU A 51 31.47 -5.57 -0.19
CA GLU A 51 31.58 -4.47 -1.14
C GLU A 51 30.68 -4.75 -2.35
N GLU A 52 30.67 -6.01 -2.78
CA GLU A 52 29.85 -6.42 -3.92
C GLU A 52 28.38 -6.32 -3.60
N ALA A 53 27.99 -6.76 -2.40
CA ALA A 53 26.60 -6.72 -1.98
C ALA A 53 26.13 -5.28 -1.93
N GLY A 54 26.93 -4.40 -1.33
CA GLY A 54 26.57 -3.00 -1.24
C GLY A 54 26.40 -2.37 -2.59
N ALA A 55 27.32 -2.66 -3.50
CA ALA A 55 27.26 -2.12 -4.85
C ALA A 55 25.99 -2.60 -5.54
N ALA A 56 25.66 -3.87 -5.34
CA ALA A 56 24.47 -4.46 -5.94
C ALA A 56 23.21 -3.78 -5.41
N VAL A 57 23.16 -3.56 -4.10
CA VAL A 57 22.00 -2.91 -3.50
C VAL A 57 21.76 -1.55 -4.15
N ALA A 58 22.83 -0.77 -4.27
CA ALA A 58 22.74 0.56 -4.88
C ALA A 58 22.37 0.48 -6.37
N ALA A 59 23.07 -0.37 -7.10
CA ALA A 59 22.82 -0.53 -8.54
C ALA A 59 21.42 -1.05 -8.83
N GLU A 60 21.00 -2.09 -8.10
CA GLU A 60 19.70 -2.69 -8.33
C GLU A 60 18.52 -1.85 -7.86
N SER A 61 18.80 -0.81 -7.09
CA SER A 61 17.73 0.07 -6.60
C SER A 61 17.84 1.42 -7.31
N SER A 62 18.54 1.43 -8.44
CA SER A 62 18.71 2.65 -9.23
C SER A 62 18.92 2.35 -10.71
N THR A 63 20.10 2.65 -11.22
CA THR A 63 20.43 2.44 -12.63
C THR A 63 20.95 1.05 -12.94
N THR A 68 23.79 -2.97 -20.32
CA THR A 68 24.32 -1.87 -21.17
C THR A 68 23.53 -1.74 -22.46
N VAL A 69 23.02 -0.54 -22.70
CA VAL A 69 22.23 -0.27 -23.89
C VAL A 69 22.63 1.09 -24.45
N TRP A 70 22.72 1.17 -25.77
CA TRP A 70 23.13 2.40 -26.47
C TRP A 70 22.49 3.69 -25.96
N THR A 71 21.27 3.60 -25.46
CA THR A 71 20.56 4.77 -24.96
C THR A 71 21.28 5.43 -23.78
N ASP A 72 22.09 4.64 -23.06
CA ASP A 72 22.82 5.18 -21.93
C ASP A 72 23.74 6.30 -22.39
N GLY A 73 24.08 6.26 -23.68
CA GLY A 73 24.97 7.27 -24.25
C GLY A 73 24.27 8.57 -24.57
N LEU A 74 22.96 8.62 -24.39
CA LEU A 74 22.19 9.83 -24.67
C LEU A 74 21.99 10.66 -23.41
N THR A 75 22.68 10.28 -22.34
CA THR A 75 22.58 11.00 -21.07
C THR A 75 23.84 10.71 -20.26
N SER A 76 23.80 11.01 -18.96
CA SER A 76 24.94 10.77 -18.08
C SER A 76 24.49 9.92 -16.90
N LEU A 77 24.58 8.60 -17.06
CA LEU A 77 24.17 7.65 -16.03
C LEU A 77 24.73 7.94 -14.64
N ASP A 78 25.91 8.55 -14.59
CA ASP A 78 26.53 8.86 -13.29
C ASP A 78 25.68 9.79 -12.43
N ARG A 79 24.92 10.66 -13.06
CA ARG A 79 24.06 11.59 -12.32
C ARG A 79 22.72 11.01 -11.88
N TYR A 80 22.48 9.75 -12.22
CA TYR A 80 21.22 9.10 -11.86
C TYR A 80 21.40 7.79 -11.11
N LYS A 81 22.65 7.41 -10.87
CA LYS A 81 22.92 6.17 -10.17
C LYS A 81 22.90 6.35 -8.66
N GLY A 82 22.46 5.32 -7.96
CA GLY A 82 22.47 5.37 -6.52
C GLY A 82 23.86 4.84 -6.22
N ARG A 83 24.41 5.14 -5.06
CA ARG A 83 25.73 4.63 -4.77
C ARG A 83 25.93 4.27 -3.31
N CYS A 84 26.58 3.13 -3.10
CA CYS A 84 26.87 2.66 -1.76
C CYS A 84 28.19 3.31 -1.35
N TYR A 85 28.10 4.31 -0.46
CA TYR A 85 29.28 5.02 -0.01
C TYR A 85 29.84 4.49 1.30
N HIS A 86 29.24 3.45 1.85
CA HIS A 86 29.72 2.87 3.09
C HIS A 86 29.03 1.56 3.42
N ILE A 87 29.80 0.60 3.89
CA ILE A 87 29.26 -0.68 4.29
C ILE A 87 30.12 -1.15 5.45
N GLU A 88 29.48 -1.75 6.45
CA GLU A 88 30.20 -2.22 7.60
C GLU A 88 29.49 -3.44 8.19
N PRO A 89 30.28 -4.41 8.68
CA PRO A 89 29.67 -5.60 9.25
C PRO A 89 28.79 -5.22 10.43
N VAL A 90 27.58 -5.77 10.48
CA VAL A 90 26.79 -5.44 11.63
C VAL A 90 26.75 -6.51 12.67
N VAL A 91 26.58 -5.97 13.86
CA VAL A 91 26.50 -6.67 15.11
C VAL A 91 25.21 -7.48 15.23
N GLY A 92 24.30 -7.28 14.28
CA GLY A 92 23.04 -8.00 14.29
C GLY A 92 23.31 -9.48 14.33
N GLU A 93 23.65 -10.06 13.19
CA GLU A 93 23.94 -11.48 13.15
C GLU A 93 24.61 -11.98 11.88
N ASP A 94 24.94 -13.27 11.92
CA ASP A 94 25.57 -14.01 10.85
C ASP A 94 25.74 -13.33 9.49
N ASN A 95 26.94 -12.88 9.19
CA ASN A 95 27.18 -12.29 7.88
C ASN A 95 26.16 -11.19 7.54
N GLN A 96 26.02 -10.22 8.44
CA GLN A 96 25.07 -9.12 8.23
C GLN A 96 25.80 -7.79 8.19
N TYR A 97 25.36 -6.87 7.32
CA TYR A 97 26.01 -5.57 7.21
C TYR A 97 25.02 -4.43 7.04
N ILE A 98 25.45 -3.22 7.39
CA ILE A 98 24.60 -2.04 7.19
C ILE A 98 25.25 -1.33 6.01
N ALA A 99 24.48 -1.18 4.93
CA ALA A 99 24.98 -0.49 3.74
C ALA A 99 24.28 0.84 3.57
N TYR A 100 25.07 1.89 3.40
CA TYR A 100 24.54 3.23 3.21
C TYR A 100 24.53 3.54 1.72
N VAL A 101 23.36 3.94 1.21
CA VAL A 101 23.19 4.26 -0.20
C VAL A 101 22.69 5.69 -0.35
N ALA A 102 23.23 6.39 -1.34
CA ALA A 102 22.83 7.77 -1.62
C ALA A 102 22.14 7.83 -2.98
N TYR A 103 20.95 8.43 -3.00
CA TYR A 103 20.16 8.57 -4.23
C TYR A 103 20.01 10.05 -4.57
N PRO A 104 20.22 10.42 -5.85
CA PRO A 104 20.10 11.82 -6.25
C PRO A 104 18.66 12.35 -6.17
N LEU A 105 18.52 13.63 -5.84
CA LEU A 105 17.22 14.28 -5.71
C LEU A 105 16.31 14.12 -6.93
N ASP A 106 16.90 14.20 -8.13
CA ASP A 106 16.15 14.12 -9.38
C ASP A 106 15.43 12.81 -9.69
N LEU A 107 15.70 11.76 -8.94
CA LEU A 107 15.06 10.47 -9.18
C LEU A 107 13.64 10.42 -8.68
N PHE A 108 13.32 11.30 -7.73
CA PHE A 108 12.03 11.31 -7.07
C PHE A 108 11.00 12.32 -7.53
N GLU A 109 9.76 11.88 -7.63
CA GLU A 109 8.68 12.78 -7.99
C GLU A 109 8.31 13.54 -6.73
N GLU A 110 8.25 14.85 -6.84
CA GLU A 110 7.90 15.72 -5.72
C GLU A 110 6.56 15.35 -5.10
N GLY A 111 6.52 15.34 -3.77
CA GLY A 111 5.29 15.04 -3.04
C GLY A 111 4.70 13.65 -3.16
N SER A 112 5.47 12.71 -3.70
CA SER A 112 4.98 11.34 -3.87
C SER A 112 5.71 10.28 -3.05
N VAL A 113 5.15 9.93 -1.90
CA VAL A 113 5.77 8.89 -1.06
C VAL A 113 5.76 7.60 -1.88
N THR A 114 4.70 7.43 -2.67
CA THR A 114 4.57 6.26 -3.52
C THR A 114 5.79 6.09 -4.42
N ASN A 115 6.20 7.17 -5.09
CA ASN A 115 7.36 7.09 -5.96
C ASN A 115 8.65 6.89 -5.18
N MET A 116 8.73 7.44 -3.97
CA MET A 116 9.93 7.28 -3.16
C MET A 116 10.10 5.80 -2.83
N PHE A 117 9.02 5.17 -2.37
CA PHE A 117 9.06 3.75 -2.04
C PHE A 117 9.38 2.94 -3.29
N THR A 118 8.68 3.21 -4.38
CA THR A 118 8.91 2.50 -5.63
C THR A 118 10.38 2.57 -6.05
N SER A 119 10.95 3.78 -6.02
CA SER A 119 12.34 3.99 -6.42
C SER A 119 13.36 3.30 -5.53
N ILE A 120 13.14 3.32 -4.23
CA ILE A 120 14.10 2.73 -3.30
C ILE A 120 13.88 1.26 -2.94
N VAL A 121 12.64 0.86 -2.65
CA VAL A 121 12.39 -0.52 -2.28
C VAL A 121 11.56 -1.31 -3.27
N GLY A 122 11.38 -0.77 -4.47
CA GLY A 122 10.56 -1.45 -5.46
C GLY A 122 11.12 -2.70 -6.10
N ASN A 123 12.45 -2.82 -6.18
CA ASN A 123 13.03 -3.96 -6.86
C ASN A 123 14.15 -4.76 -6.17
N VAL A 124 15.02 -4.05 -5.47
CA VAL A 124 16.18 -4.67 -4.83
C VAL A 124 15.99 -5.81 -3.83
N PHE A 125 14.83 -5.90 -3.19
CA PHE A 125 14.62 -6.96 -2.20
C PHE A 125 14.56 -8.38 -2.74
N GLY A 126 14.39 -8.52 -4.05
CA GLY A 126 14.33 -9.85 -4.63
C GLY A 126 15.63 -10.30 -5.28
N PHE A 127 16.68 -9.47 -5.20
CA PHE A 127 17.96 -9.81 -5.82
C PHE A 127 18.55 -11.10 -5.26
N LYS A 128 18.83 -12.03 -6.15
CA LYS A 128 19.38 -13.34 -5.80
C LYS A 128 20.65 -13.34 -4.96
N ALA A 129 21.55 -12.39 -5.21
CA ALA A 129 22.81 -12.31 -4.47
C ALA A 129 22.63 -11.90 -3.00
N LEU A 130 21.40 -11.58 -2.63
CA LEU A 130 21.09 -11.17 -1.26
C LEU A 130 20.16 -12.20 -0.61
N ARG A 131 20.58 -12.78 0.51
CA ARG A 131 19.75 -13.74 1.20
C ARG A 131 18.58 -13.02 1.85
N ALA A 132 18.84 -11.82 2.35
CA ALA A 132 17.82 -11.01 3.00
C ALA A 132 18.20 -9.54 2.96
N LEU A 133 17.19 -8.67 3.06
CA LEU A 133 17.41 -7.23 3.02
C LEU A 133 16.32 -6.51 3.78
N ARG A 134 16.71 -5.50 4.56
CA ARG A 134 15.76 -4.72 5.32
C ARG A 134 16.15 -3.25 5.28
N LEU A 135 15.19 -2.38 4.97
CA LEU A 135 15.49 -0.95 4.95
C LEU A 135 15.29 -0.46 6.38
N GLU A 136 16.35 0.08 6.99
CA GLU A 136 16.30 0.56 8.37
C GLU A 136 15.97 2.03 8.53
N ASP A 137 16.47 2.88 7.63
CA ASP A 137 16.23 4.31 7.77
C ASP A 137 16.38 5.02 6.43
N LEU A 138 15.95 6.28 6.42
CA LEU A 138 16.01 7.11 5.23
C LEU A 138 16.29 8.54 5.67
N ARG A 139 17.20 9.22 4.98
CA ARG A 139 17.50 10.61 5.31
C ARG A 139 16.74 11.44 4.29
N ILE A 140 15.63 12.05 4.72
CA ILE A 140 14.82 12.87 3.83
C ILE A 140 15.35 14.30 3.83
N PRO A 141 16.02 14.72 2.75
CA PRO A 141 16.55 16.08 2.68
C PRO A 141 15.45 17.13 2.62
N PRO A 142 15.74 18.35 3.10
CA PRO A 142 14.75 19.43 3.09
C PRO A 142 14.21 19.72 1.70
N THR A 143 15.08 19.60 0.69
CA THR A 143 14.68 19.86 -0.69
C THR A 143 13.58 18.91 -1.17
N TYR A 144 13.47 17.74 -0.54
CA TYR A 144 12.44 16.80 -0.94
C TYR A 144 11.24 16.89 0.01
N SER A 145 11.49 16.94 1.31
CA SER A 145 10.39 17.02 2.26
C SER A 145 9.54 18.27 2.04
N LYS A 146 10.17 19.36 1.59
CA LYS A 146 9.42 20.58 1.36
C LYS A 146 8.40 20.47 0.23
N THR A 147 8.41 19.35 -0.50
CA THR A 147 7.45 19.18 -1.58
C THR A 147 6.21 18.42 -1.11
N PHE A 148 6.12 18.17 0.20
CA PHE A 148 4.99 17.45 0.79
C PHE A 148 4.22 18.34 1.76
N GLN A 149 2.90 18.27 1.73
CA GLN A 149 2.11 19.06 2.67
C GLN A 149 2.47 18.62 4.09
N GLY A 150 2.48 17.30 4.29
CA GLY A 150 2.76 16.75 5.60
C GLY A 150 1.47 16.67 6.41
N PRO A 151 1.55 16.63 7.74
CA PRO A 151 0.36 16.54 8.59
C PRO A 151 -0.68 17.62 8.29
N PRO A 152 -1.97 17.22 8.22
CA PRO A 152 -3.00 18.22 7.94
C PRO A 152 -2.95 19.36 8.95
N HIS A 153 -2.59 19.02 10.19
CA HIS A 153 -2.49 20.03 11.25
C HIS A 153 -1.25 19.93 12.11
N GLY A 154 -0.99 18.76 12.68
CA GLY A 154 0.20 18.61 13.50
C GLY A 154 -0.07 18.84 14.97
N ILE A 155 0.85 18.37 15.80
CA ILE A 155 0.72 18.46 17.26
C ILE A 155 0.22 19.78 17.83
N GLN A 156 0.92 20.86 17.52
CA GLN A 156 0.55 22.17 18.04
C GLN A 156 -0.85 22.63 17.66
N VAL A 157 -1.15 22.59 16.37
CA VAL A 157 -2.45 23.02 15.90
C VAL A 157 -3.55 22.20 16.56
N GLU A 158 -3.35 20.89 16.65
CA GLU A 158 -4.35 20.03 17.27
C GLU A 158 -4.62 20.45 18.71
N ARG A 159 -3.57 20.63 19.50
CA ARG A 159 -3.76 21.05 20.89
C ARG A 159 -4.55 22.35 20.96
N ASP A 160 -4.21 23.30 20.08
CA ASP A 160 -4.91 24.59 20.06
C ASP A 160 -6.37 24.45 19.62
N LYS A 161 -6.61 23.63 18.60
CA LYS A 161 -7.96 23.41 18.09
C LYS A 161 -8.89 22.78 19.13
N LEU A 162 -8.36 21.80 19.87
CA LEU A 162 -9.14 21.08 20.88
C LEU A 162 -9.01 21.70 22.27
N ASN A 163 -8.15 22.70 22.40
CA ASN A 163 -7.94 23.40 23.67
C ASN A 163 -7.51 22.43 24.77
N LYS A 164 -6.53 21.58 24.46
CA LYS A 164 -6.01 20.60 25.41
C LYS A 164 -4.49 20.78 25.58
N TYR A 165 -4.04 20.96 26.82
CA TYR A 165 -2.62 21.18 27.11
C TYR A 165 -2.18 20.49 28.40
N GLY A 166 -0.87 20.26 28.52
CA GLY A 166 -0.30 19.67 29.73
C GLY A 166 -0.47 18.21 30.04
N ARG A 167 -0.92 17.39 29.09
CA ARG A 167 -1.10 15.97 29.37
C ARG A 167 -1.31 15.15 28.12
N PRO A 168 -1.00 13.85 28.20
CA PRO A 168 -1.22 12.98 27.04
C PRO A 168 -2.73 12.95 26.80
N LEU A 169 -3.14 12.72 25.56
CA LEU A 169 -4.56 12.64 25.25
C LEU A 169 -5.00 11.22 25.56
N LEU A 170 -6.30 11.00 25.74
CA LEU A 170 -6.81 9.67 26.07
C LEU A 170 -7.90 9.22 25.12
N GLY A 171 -7.87 7.94 24.78
CA GLY A 171 -8.86 7.40 23.87
C GLY A 171 -9.15 5.95 24.15
N CYS A 172 -10.23 5.45 23.56
CA CYS A 172 -10.62 4.06 23.73
C CYS A 172 -11.20 3.53 22.43
N THR A 173 -10.80 2.33 22.05
CA THR A 173 -11.29 1.68 20.84
C THR A 173 -12.55 0.92 21.24
N ILE A 174 -13.63 1.10 20.49
CA ILE A 174 -14.88 0.43 20.83
C ILE A 174 -14.83 -1.08 20.57
N LYS A 175 -15.36 -1.85 21.51
CA LYS A 175 -15.40 -3.30 21.43
C LYS A 175 -16.81 -3.78 21.78
N PRO A 176 -17.23 -4.92 21.23
CA PRO A 176 -16.48 -5.75 20.29
C PRO A 176 -16.25 -5.11 18.93
N LYS A 177 -15.17 -5.54 18.28
CA LYS A 177 -14.78 -5.05 16.96
C LYS A 177 -15.95 -4.97 15.99
N LEU A 178 -16.49 -6.12 15.64
CA LEU A 178 -17.62 -6.20 14.72
C LEU A 178 -18.78 -6.91 15.40
N GLY A 179 -20.00 -6.67 14.94
CA GLY A 179 -21.16 -7.31 15.53
C GLY A 179 -22.16 -6.37 16.17
N LEU A 180 -21.68 -5.20 16.57
CA LEU A 180 -22.52 -4.19 17.21
C LEU A 180 -23.28 -3.36 16.18
N SER A 181 -24.50 -2.95 16.53
CA SER A 181 -25.28 -2.12 15.63
C SER A 181 -24.69 -0.71 15.71
N ALA A 182 -24.94 0.11 14.69
CA ALA A 182 -24.42 1.46 14.67
C ALA A 182 -24.84 2.22 15.95
N LYS A 183 -26.10 2.08 16.34
CA LYS A 183 -26.57 2.77 17.53
C LYS A 183 -25.88 2.27 18.80
N ASN A 184 -25.82 0.96 18.98
CA ASN A 184 -25.19 0.41 20.17
C ASN A 184 -23.72 0.83 20.21
N TYR A 185 -23.14 1.01 19.02
CA TYR A 185 -21.76 1.43 18.89
C TYR A 185 -21.62 2.85 19.42
N GLY A 186 -22.54 3.72 19.00
CA GLY A 186 -22.53 5.10 19.45
C GLY A 186 -22.77 5.21 20.95
N ARG A 187 -23.60 4.31 21.47
CA ARG A 187 -23.88 4.30 22.89
C ARG A 187 -22.57 4.14 23.66
N ALA A 188 -21.74 3.18 23.24
CA ALA A 188 -20.45 2.94 23.89
C ALA A 188 -19.56 4.18 23.77
N CYS A 189 -19.62 4.84 22.63
CA CYS A 189 -18.83 6.04 22.38
C CYS A 189 -19.17 7.11 23.44
N TYR A 190 -20.46 7.45 23.52
CA TYR A 190 -20.94 8.45 24.47
C TYR A 190 -20.52 8.17 25.92
N GLU A 191 -20.71 6.93 26.37
CA GLU A 191 -20.37 6.58 27.75
C GLU A 191 -18.88 6.73 28.05
N CYS A 192 -18.05 6.30 27.11
CA CYS A 192 -16.61 6.41 27.25
C CYS A 192 -16.21 7.89 27.30
N LEU A 193 -16.66 8.64 26.31
CA LEU A 193 -16.35 10.07 26.23
C LEU A 193 -16.80 10.89 27.43
N ARG A 194 -18.02 10.65 27.91
CA ARG A 194 -18.56 11.42 29.03
C ARG A 194 -17.79 11.17 30.32
N GLY A 195 -17.07 10.06 30.37
CA GLY A 195 -16.30 9.71 31.55
C GLY A 195 -14.95 10.40 31.67
N GLY A 196 -14.47 11.03 30.61
CA GLY A 196 -13.18 11.71 30.70
C GLY A 196 -12.21 11.50 29.55
N LEU A 197 -12.53 10.58 28.65
CA LEU A 197 -11.65 10.34 27.50
C LEU A 197 -11.86 11.43 26.45
N ASP A 198 -10.80 11.77 25.73
CA ASP A 198 -10.88 12.78 24.69
C ASP A 198 -11.44 12.21 23.40
N PHE A 199 -11.15 10.92 23.17
CA PHE A 199 -11.59 10.27 21.94
C PHE A 199 -12.05 8.83 22.15
N THR A 200 -12.84 8.36 21.18
CA THR A 200 -13.28 6.97 21.12
C THR A 200 -12.86 6.66 19.70
N ASP A 202 -13.04 3.92 15.96
CA ASP A 202 -13.51 2.80 15.14
C ASP A 202 -12.34 1.82 15.03
N ASP A 203 -12.60 0.53 15.18
CA ASP A 203 -11.52 -0.43 15.02
C ASP A 203 -11.04 -0.30 13.58
N GLU A 204 -9.80 -0.69 13.31
CA GLU A 204 -9.25 -0.59 11.96
C GLU A 204 -10.07 -1.37 10.94
N ASN A 205 -10.67 -2.47 11.38
CA ASN A 205 -11.49 -3.32 10.51
C ASN A 205 -12.87 -2.74 10.24
N VAL A 206 -13.28 -1.79 11.07
CA VAL A 206 -14.59 -1.15 10.91
C VAL A 206 -14.56 -0.06 9.85
N ASN A 207 -15.12 -0.38 8.68
CA ASN A 207 -15.21 0.55 7.57
C ASN A 207 -16.71 0.63 7.31
N SER A 208 -17.22 -0.29 6.49
CA SER A 208 -18.66 -0.36 6.22
C SER A 208 -18.97 -1.82 5.91
N GLN A 209 -19.87 -2.40 6.71
CA GLN A 209 -20.23 -3.80 6.55
C GLN A 209 -21.72 -4.07 6.77
N PRO A 210 -22.18 -5.29 6.45
CA PRO A 210 -23.59 -5.67 6.60
C PRO A 210 -24.19 -5.36 7.98
N PHE A 211 -23.43 -5.59 9.04
CA PHE A 211 -23.91 -5.36 10.39
C PHE A 211 -23.92 -3.89 10.79
N MET A 212 -23.13 -3.09 10.07
CA MET A 212 -23.04 -1.67 10.38
C MET A 212 -22.50 -0.87 9.21
N ARG A 213 -23.39 -0.21 8.49
CA ARG A 213 -22.97 0.61 7.35
C ARG A 213 -22.38 1.90 7.90
N TRP A 214 -21.38 2.42 7.19
CA TRP A 214 -20.67 3.61 7.63
C TRP A 214 -21.47 4.85 7.92
N ARG A 215 -22.40 5.21 7.04
CA ARG A 215 -23.15 6.44 7.26
C ARG A 215 -23.97 6.38 8.55
N ASP A 216 -24.53 5.21 8.83
CA ASP A 216 -25.31 5.04 10.05
C ASP A 216 -24.41 5.23 11.26
N ARG A 217 -23.21 4.67 11.19
CA ARG A 217 -22.26 4.79 12.30
C ARG A 217 -21.85 6.24 12.52
N PHE A 218 -21.63 6.98 11.43
CA PHE A 218 -21.24 8.38 11.53
C PHE A 218 -22.34 9.18 12.22
N VAL A 219 -23.59 8.90 11.84
CA VAL A 219 -24.74 9.59 12.44
C VAL A 219 -24.81 9.39 13.95
N PHE A 220 -24.79 8.13 14.40
CA PHE A 220 -24.89 7.84 15.83
C PHE A 220 -23.64 8.26 16.62
N CYS A 221 -22.47 8.17 16.02
CA CYS A 221 -21.26 8.56 16.73
C CYS A 221 -21.23 10.08 16.86
N ALA A 222 -21.83 10.78 15.90
CA ALA A 222 -21.89 12.24 15.97
C ALA A 222 -22.79 12.63 17.13
N GLU A 223 -23.92 11.95 17.27
CA GLU A 223 -24.82 12.25 18.38
C GLU A 223 -24.09 12.03 19.70
N ALA A 224 -23.31 10.96 19.76
CA ALA A 224 -22.53 10.61 20.95
C ALA A 224 -21.45 11.64 21.26
N ILE A 225 -20.76 12.09 20.22
CA ILE A 225 -19.70 13.09 20.40
C ILE A 225 -20.28 14.36 21.01
N TYR A 226 -21.36 14.85 20.44
CA TYR A 226 -21.96 16.09 20.92
C TYR A 226 -22.68 15.98 22.25
N LYS A 227 -23.20 14.81 22.57
CA LYS A 227 -23.89 14.62 23.85
C LYS A 227 -22.85 14.65 24.97
N SER A 228 -21.76 13.93 24.77
CA SER A 228 -20.70 13.87 25.78
C SER A 228 -20.01 15.22 25.95
N GLN A 229 -19.86 15.95 24.85
CA GLN A 229 -19.21 17.27 24.91
C GLN A 229 -20.06 18.28 25.67
N ALA A 230 -21.36 18.29 25.39
CA ALA A 230 -22.27 19.21 26.07
C ALA A 230 -22.34 18.89 27.56
N GLU A 231 -22.28 17.60 27.89
CA GLU A 231 -22.35 17.18 29.29
C GLU A 231 -21.10 17.54 30.11
N THR A 232 -19.93 17.31 29.53
CA THR A 232 -18.66 17.57 30.20
C THR A 232 -18.10 18.97 30.04
N GLY A 233 -18.40 19.60 28.91
CA GLY A 233 -17.89 20.94 28.65
C GLY A 233 -16.53 20.90 27.98
N GLU A 234 -16.03 19.70 27.70
CA GLU A 234 -14.73 19.52 27.04
C GLU A 234 -14.94 19.04 25.61
N ILE A 235 -14.06 19.46 24.70
CA ILE A 235 -14.16 19.04 23.30
C ILE A 235 -13.90 17.54 23.15
N LYS A 236 -14.80 16.86 22.44
CA LYS A 236 -14.70 15.41 22.24
C LYS A 236 -14.60 15.05 20.76
N GLY A 237 -14.15 13.84 20.49
CA GLY A 237 -14.05 13.38 19.12
C GLY A 237 -14.09 11.87 19.03
N HIS A 238 -14.28 11.36 17.82
CA HIS A 238 -14.31 9.92 17.60
C HIS A 238 -13.67 9.73 16.23
N TYR A 239 -12.59 8.95 16.17
CA TYR A 239 -11.94 8.73 14.89
C TYR A 239 -12.87 7.92 14.00
N LEU A 240 -13.57 8.59 13.08
CA LEU A 240 -14.48 7.93 12.15
C LEU A 240 -13.63 7.40 10.99
N ASN A 241 -13.59 6.08 10.85
CA ASN A 241 -12.80 5.43 9.81
C ASN A 241 -13.33 5.68 8.41
N ALA A 242 -12.50 6.29 7.56
CA ALA A 242 -12.90 6.58 6.19
C ALA A 242 -12.22 5.62 5.20
N THR A 243 -11.43 4.69 5.74
CA THR A 243 -10.74 3.71 4.91
C THR A 243 -11.79 3.02 4.04
N ALA A 244 -11.52 2.92 2.74
CA ALA A 244 -12.50 2.31 1.84
C ALA A 244 -11.87 1.53 0.68
N GLY A 245 -12.72 0.92 -0.12
CA GLY A 245 -12.23 0.14 -1.25
C GLY A 245 -11.77 1.00 -2.40
N THR A 246 -12.29 2.22 -2.48
CA THR A 246 -11.92 3.14 -3.55
C THR A 246 -11.74 4.55 -3.00
N CYS A 247 -11.07 5.40 -3.77
CA CYS A 247 -10.85 6.78 -3.35
C CYS A 247 -12.15 7.56 -3.33
N GLU A 248 -13.09 7.20 -4.21
CA GLU A 248 -14.38 7.88 -4.26
C GLU A 248 -15.16 7.65 -2.97
N GLU A 249 -15.12 6.40 -2.47
CA GLU A 249 -15.81 6.06 -1.23
C GLU A 249 -15.11 6.70 -0.04
N MET A 250 -13.79 6.66 -0.04
CA MET A 250 -13.01 7.25 1.05
C MET A 250 -13.34 8.73 1.23
N ILE A 251 -13.41 9.47 0.13
CA ILE A 251 -13.72 10.89 0.18
C ILE A 251 -15.17 11.14 0.58
N LYS A 252 -16.07 10.28 0.09
CA LYS A 252 -17.49 10.40 0.39
C LYS A 252 -17.72 10.35 1.90
N ARG A 253 -16.92 9.54 2.59
CA ARG A 253 -17.05 9.40 4.03
C ARG A 253 -16.46 10.62 4.74
N ALA A 254 -15.34 11.13 4.23
CA ALA A 254 -14.71 12.32 4.80
C ALA A 254 -15.64 13.52 4.65
N VAL A 255 -16.31 13.60 3.49
CA VAL A 255 -17.24 14.68 3.20
C VAL A 255 -18.43 14.73 4.16
N PHE A 256 -18.98 13.57 4.51
CA PHE A 256 -20.11 13.55 5.44
C PHE A 256 -19.63 13.91 6.85
N ALA A 257 -18.42 13.50 7.22
CA ALA A 257 -17.89 13.84 8.53
C ALA A 257 -17.78 15.36 8.58
N ARG A 258 -17.36 15.93 7.44
CA ARG A 258 -17.20 17.37 7.32
C ARG A 258 -18.57 18.03 7.52
N GLU A 259 -19.60 17.45 6.92
CA GLU A 259 -20.94 17.99 7.05
C GLU A 259 -21.39 17.95 8.51
N LEU A 260 -21.05 16.86 9.20
CA LEU A 260 -21.43 16.70 10.60
C LEU A 260 -20.65 17.64 11.52
N GLY A 261 -19.59 18.23 10.99
CA GLY A 261 -18.80 19.17 11.78
C GLY A 261 -17.92 18.57 12.86
N VAL A 262 -17.72 17.26 12.82
CA VAL A 262 -16.88 16.58 13.81
C VAL A 262 -15.42 16.95 13.57
N PRO A 263 -14.58 16.85 14.60
CA PRO A 263 -13.16 17.20 14.52
C PRO A 263 -12.13 16.23 13.95
N ILE A 264 -12.44 14.94 13.90
CA ILE A 264 -11.43 14.01 13.43
C ILE A 264 -11.93 12.76 12.70
N VAL A 265 -11.16 12.34 11.71
CA VAL A 265 -11.45 11.13 10.93
C VAL A 265 -10.23 10.22 11.01
N MET A 266 -10.36 9.02 10.46
CA MET A 266 -9.30 8.02 10.52
C MET A 266 -9.04 7.27 9.22
N HIS A 267 -7.79 6.83 9.03
CA HIS A 267 -7.42 6.08 7.83
C HIS A 267 -6.31 5.06 8.13
N ASP A 268 -6.40 3.90 7.49
CA ASP A 268 -5.38 2.86 7.64
C ASP A 268 -4.52 3.07 6.42
N TYR A 269 -3.51 3.91 6.56
CA TYR A 269 -2.64 4.28 5.46
C TYR A 269 -1.91 3.18 4.71
N LEU A 270 -1.55 2.10 5.38
CA LEU A 270 -0.83 1.03 4.69
C LEU A 270 -1.74 0.14 3.86
N THR A 271 -2.90 -0.23 4.40
CA THR A 271 -3.82 -1.08 3.65
C THR A 271 -4.55 -0.28 2.60
N GLY A 272 -4.81 1.00 2.89
CA GLY A 272 -5.47 1.86 1.94
C GLY A 272 -4.45 2.32 0.90
N GLY A 273 -3.23 2.58 1.34
CA GLY A 273 -2.18 2.99 0.42
C GLY A 273 -1.82 4.46 0.50
N PHE A 274 -0.59 4.78 0.11
CA PHE A 274 -0.08 6.15 0.14
C PHE A 274 -0.73 7.11 -0.84
N THR A 275 -1.04 6.64 -2.04
CA THR A 275 -1.68 7.52 -3.01
C THR A 275 -3.00 8.00 -2.42
N ALA A 276 -3.78 7.07 -1.88
CA ALA A 276 -5.06 7.41 -1.28
C ALA A 276 -4.88 8.21 0.01
N ASN A 277 -3.90 7.85 0.84
CA ASN A 277 -3.70 8.58 2.08
C ASN A 277 -3.34 10.03 1.84
N THR A 278 -2.48 10.28 0.86
CA THR A 278 -2.07 11.64 0.54
C THR A 278 -3.27 12.47 0.12
N SER A 279 -4.16 11.87 -0.67
CA SER A 279 -5.36 12.59 -1.10
C SER A 279 -6.21 12.92 0.10
N LEU A 280 -6.36 11.97 1.01
CA LEU A 280 -7.16 12.20 2.21
C LEU A 280 -6.54 13.30 3.06
N ALA A 281 -5.21 13.25 3.22
CA ALA A 281 -4.50 14.26 4.00
C ALA A 281 -4.75 15.65 3.42
N HIS A 282 -4.79 15.74 2.10
CA HIS A 282 -5.05 17.02 1.45
C HIS A 282 -6.48 17.49 1.74
N TYR A 283 -7.43 16.56 1.70
CA TYR A 283 -8.83 16.89 1.97
C TYR A 283 -8.99 17.39 3.40
N CYS A 284 -8.32 16.71 4.34
CA CYS A 284 -8.40 17.10 5.74
C CYS A 284 -7.83 18.49 5.96
N ARG A 285 -6.74 18.82 5.27
CA ARG A 285 -6.14 20.14 5.39
C ARG A 285 -7.08 21.20 4.85
N ASP A 286 -7.70 20.90 3.71
CA ASP A 286 -8.61 21.85 3.07
C ASP A 286 -9.92 22.01 3.82
N ASN A 287 -10.21 21.09 4.73
CA ASN A 287 -11.46 21.15 5.48
C ASN A 287 -11.36 21.16 7.00
N GLY A 288 -10.15 21.35 7.52
CA GLY A 288 -9.95 21.43 8.95
C GLY A 288 -10.18 20.16 9.77
N LEU A 289 -10.05 19.00 9.14
CA LEU A 289 -10.25 17.74 9.84
C LEU A 289 -8.94 17.12 10.35
N LEU A 290 -8.93 16.65 11.59
CA LEU A 290 -7.74 16.00 12.14
C LEU A 290 -7.76 14.61 11.52
N LEU A 291 -6.58 14.02 11.31
CA LEU A 291 -6.50 12.71 10.71
C LEU A 291 -5.73 11.71 11.57
N HIS A 292 -6.45 10.74 12.11
CA HIS A 292 -5.87 9.69 12.94
C HIS A 292 -5.44 8.56 12.02
N ILE A 293 -4.18 8.14 12.13
CA ILE A 293 -3.66 7.10 11.25
C ILE A 293 -3.36 5.78 11.96
N HIS A 294 -4.02 4.71 11.51
CA HIS A 294 -3.80 3.38 12.06
C HIS A 294 -2.80 2.69 11.15
N ARG A 295 -1.93 1.85 11.72
CA ARG A 295 -0.90 1.19 10.92
C ARG A 295 -1.14 -0.29 10.61
N ALA A 296 -2.40 -0.68 10.44
CA ALA A 296 -2.73 -2.07 10.12
C ALA A 296 -1.83 -2.66 9.04
N MET A 297 -1.39 -3.89 9.27
CA MET A 297 -0.53 -4.65 8.37
C MET A 297 0.96 -4.32 8.45
N HIS A 298 1.33 -3.37 9.30
CA HIS A 298 2.75 -3.00 9.42
C HIS A 298 3.64 -4.17 9.82
N ALA A 299 3.15 -5.04 10.71
CA ALA A 299 3.94 -6.19 11.16
C ALA A 299 4.28 -7.17 10.02
N VAL A 300 3.51 -7.13 8.95
CA VAL A 300 3.77 -8.00 7.80
C VAL A 300 5.13 -7.58 7.22
N ILE A 301 5.41 -6.29 7.32
CA ILE A 301 6.62 -5.69 6.79
C ILE A 301 7.75 -5.40 7.78
N ASP A 302 7.40 -4.93 8.98
CA ASP A 302 8.41 -4.53 9.96
C ASP A 302 8.74 -5.43 11.15
N ARG A 303 8.20 -6.64 11.18
CA ARG A 303 8.44 -7.55 12.32
C ARG A 303 9.86 -8.12 12.39
N GLN A 304 10.29 -8.78 11.31
CA GLN A 304 11.59 -9.42 11.27
C GLN A 304 12.80 -8.50 11.07
N LYS A 305 13.83 -8.74 11.87
CA LYS A 305 15.06 -7.94 11.80
C LYS A 305 15.88 -8.18 10.54
N ASN A 306 15.72 -9.35 9.93
CA ASN A 306 16.51 -9.66 8.74
C ASN A 306 15.95 -9.20 7.39
N HIS A 307 14.64 -9.01 7.30
CA HIS A 307 14.04 -8.63 6.03
C HIS A 307 12.78 -7.79 6.18
N GLY A 308 12.65 -6.80 5.29
CA GLY A 308 11.48 -5.93 5.32
C GLY A 308 11.86 -4.47 5.41
N MET A 309 11.08 -3.72 6.17
CA MET A 309 11.33 -2.30 6.38
C MET A 309 10.96 -1.99 7.82
N HIS A 310 11.88 -1.35 8.55
CA HIS A 310 11.60 -1.05 9.94
C HIS A 310 10.49 0.00 10.02
N PHE A 311 9.68 -0.07 11.06
CA PHE A 311 8.58 0.88 11.20
C PHE A 311 8.97 2.35 11.09
N ARG A 312 10.17 2.71 11.56
CA ARG A 312 10.57 4.12 11.48
C ARG A 312 10.50 4.65 10.06
N VAL A 313 10.74 3.79 9.08
CA VAL A 313 10.68 4.20 7.67
C VAL A 313 9.21 4.44 7.32
N LEU A 314 8.35 3.55 7.79
CA LEU A 314 6.91 3.67 7.54
C LEU A 314 6.35 4.89 8.27
N ALA A 315 6.99 5.23 9.38
CA ALA A 315 6.58 6.39 10.19
C ALA A 315 6.97 7.68 9.48
N LYS A 316 8.22 7.77 9.02
CA LYS A 316 8.65 8.97 8.32
C LYS A 316 7.76 9.18 7.10
N ALA A 317 7.45 8.07 6.42
CA ALA A 317 6.61 8.10 5.22
C ALA A 317 5.24 8.68 5.52
N LEU A 318 4.68 8.32 6.67
CA LEU A 318 3.37 8.82 7.04
C LEU A 318 3.43 10.31 7.36
N ARG A 319 4.48 10.75 8.06
CA ARG A 319 4.59 12.16 8.39
C ARG A 319 4.61 12.98 7.10
N MET A 320 5.29 12.46 6.09
CA MET A 320 5.39 13.13 4.80
C MET A 320 4.07 13.10 4.02
N SER A 321 3.44 11.93 3.96
CA SER A 321 2.18 11.76 3.23
C SER A 321 1.09 12.56 3.95
N GLY A 322 1.11 12.51 5.27
CA GLY A 322 0.13 13.27 6.03
C GLY A 322 -0.69 12.52 7.05
N GLY A 323 -0.63 12.98 8.29
CA GLY A 323 -1.36 12.38 9.39
C GLY A 323 -1.15 13.21 10.63
N ASP A 324 -2.16 13.29 11.49
CA ASP A 324 -2.07 14.07 12.72
C ASP A 324 -1.73 13.19 13.92
N HIS A 325 -2.18 11.94 13.86
CA HIS A 325 -1.89 10.92 14.88
C HIS A 325 -1.40 9.72 14.10
N ILE A 326 -0.60 8.87 14.74
CA ILE A 326 -0.15 7.62 14.13
C ILE A 326 0.16 6.63 15.24
N HIS A 327 -0.33 5.41 15.10
CA HIS A 327 -0.08 4.40 16.12
C HIS A 327 1.41 4.09 16.15
N ALA A 328 1.97 4.04 17.36
CA ALA A 328 3.40 3.79 17.53
C ALA A 328 3.71 2.56 18.38
N GLY A 329 2.68 1.81 18.76
CA GLY A 329 2.90 0.61 19.55
C GLY A 329 2.73 0.76 21.05
N THR A 330 3.25 -0.22 21.80
CA THR A 330 3.18 -0.22 23.26
C THR A 330 4.54 -0.07 23.91
N VAL A 331 4.53 0.16 25.22
CA VAL A 331 5.75 0.32 26.00
C VAL A 331 5.78 -0.75 27.08
N VAL A 332 4.78 -1.62 27.08
CA VAL A 332 4.68 -2.70 28.05
C VAL A 332 3.86 -3.85 27.49
N GLU A 338 11.51 -2.85 21.38
CA GLU A 338 12.43 -2.35 22.44
C GLU A 338 12.20 -0.86 22.67
N ARG A 339 12.28 -0.45 23.93
CA ARG A 339 12.06 0.94 24.33
C ARG A 339 12.85 2.00 23.58
N GLU A 340 14.17 1.83 23.50
CA GLU A 340 15.01 2.80 22.82
C GLU A 340 14.62 2.98 21.35
N MET A 341 14.26 1.89 20.68
CA MET A 341 13.86 1.97 19.28
C MET A 341 12.55 2.74 19.14
N THR A 342 11.62 2.50 20.07
CA THR A 342 10.33 3.19 20.03
C THR A 342 10.57 4.69 20.23
N LEU A 343 11.35 5.03 21.25
CA LEU A 343 11.64 6.43 21.55
C LEU A 343 12.32 7.08 20.34
N GLY A 344 13.12 6.28 19.64
CA GLY A 344 13.81 6.78 18.46
C GLY A 344 12.85 7.28 17.40
N PHE A 345 11.93 6.43 16.95
CA PHE A 345 11.03 6.89 15.91
C PHE A 345 9.97 7.86 16.43
N VAL A 346 9.78 7.91 17.76
CA VAL A 346 8.83 8.86 18.33
C VAL A 346 9.41 10.25 18.07
N ASP A 347 10.71 10.41 18.30
CA ASP A 347 11.35 11.71 18.06
C ASP A 347 11.32 12.04 16.57
N LEU A 348 11.50 11.03 15.74
CA LEU A 348 11.48 11.22 14.30
C LEU A 348 10.11 11.69 13.84
N LEU A 349 9.08 11.33 14.61
CA LEU A 349 7.70 11.71 14.29
C LEU A 349 7.27 13.06 14.83
N ARG A 350 7.81 13.46 15.98
CA ARG A 350 7.42 14.72 16.61
C ARG A 350 8.36 15.92 16.48
N ASP A 351 9.65 15.65 16.56
CA ASP A 351 10.64 16.73 16.53
C ASP A 351 10.98 17.34 15.18
N ASP A 352 11.61 18.51 15.24
CA ASP A 352 12.00 19.23 14.04
C ASP A 352 13.41 18.80 13.60
N PHE A 353 14.25 18.47 14.56
CA PHE A 353 15.63 18.07 14.28
C PHE A 353 16.02 16.89 15.17
N ILE A 354 16.36 15.77 14.55
CA ILE A 354 16.74 14.58 15.30
C ILE A 354 18.16 14.18 14.94
N GLU A 355 19.06 14.19 15.93
CA GLU A 355 20.45 13.83 15.72
C GLU A 355 20.69 12.34 15.56
N LYS A 356 21.66 11.98 14.72
CA LYS A 356 22.01 10.58 14.50
C LYS A 356 22.20 9.87 15.83
N ASP A 357 21.59 8.69 15.97
CA ASP A 357 21.69 7.90 17.20
C ASP A 357 21.31 6.46 16.87
N ARG A 358 22.27 5.69 16.37
CA ARG A 358 21.99 4.31 15.99
C ARG A 358 21.52 3.43 17.15
N ALA A 359 21.82 3.85 18.38
CA ALA A 359 21.39 3.09 19.54
C ALA A 359 19.87 3.13 19.63
N ARG A 360 19.26 4.13 19.00
CA ARG A 360 17.81 4.26 19.00
C ARG A 360 17.24 4.11 17.59
N GLY A 361 18.01 3.44 16.72
CA GLY A 361 17.55 3.22 15.35
C GLY A 361 17.65 4.41 14.41
N ILE A 362 18.21 5.51 14.88
CA ILE A 362 18.36 6.70 14.05
C ILE A 362 19.70 6.67 13.33
N PHE A 363 19.68 6.21 12.07
CA PHE A 363 20.90 6.11 11.28
C PHE A 363 21.34 7.39 10.59
N PHE A 364 20.43 8.36 10.52
CA PHE A 364 20.72 9.64 9.87
C PHE A 364 20.17 10.81 10.66
N THR A 365 20.92 11.92 10.66
CA THR A 365 20.45 13.12 11.32
C THR A 365 19.31 13.56 10.40
N GLN A 366 18.15 13.81 10.99
CA GLN A 366 16.97 14.20 10.22
C GLN A 366 16.45 15.59 10.59
N ASP A 367 16.34 16.43 9.57
CA ASP A 367 15.88 17.81 9.73
C ASP A 367 14.56 17.92 8.96
N TRP A 368 13.48 18.29 9.65
CA TRP A 368 12.19 18.41 9.00
C TRP A 368 11.83 19.83 8.56
N VAL A 369 12.75 20.76 8.75
CA VAL A 369 12.53 22.16 8.40
C VAL A 369 11.12 22.68 8.63
N SER A 370 10.67 22.52 9.86
CA SER A 370 9.36 22.99 10.31
C SER A 370 8.11 22.25 9.89
N MET A 371 8.25 21.08 9.28
CA MET A 371 7.06 20.32 8.92
C MET A 371 6.47 19.95 10.28
N PRO A 372 5.14 20.08 10.44
CA PRO A 372 4.52 19.73 11.72
C PRO A 372 4.81 18.30 12.14
N GLY A 373 4.76 18.06 13.45
CA GLY A 373 4.99 16.72 13.97
C GLY A 373 3.68 15.95 14.07
N VAL A 374 3.78 14.63 14.26
CA VAL A 374 2.62 13.76 14.37
C VAL A 374 2.54 13.24 15.79
N ILE A 375 1.33 13.18 16.36
CA ILE A 375 1.20 12.66 17.72
C ILE A 375 1.25 11.14 17.69
N PRO A 376 2.17 10.54 18.44
CA PRO A 376 2.29 9.08 18.50
C PRO A 376 1.18 8.51 19.38
N VAL A 377 0.62 7.39 18.95
CA VAL A 377 -0.46 6.76 19.70
C VAL A 377 -0.03 5.42 20.30
N ALA A 378 -0.09 5.32 21.62
CA ALA A 378 0.28 4.10 22.31
C ALA A 378 -0.97 3.29 22.65
N SER A 379 -1.00 2.03 22.23
CA SER A 379 -2.16 1.18 22.50
C SER A 379 -1.69 -0.27 22.61
N GLY A 380 -2.51 -1.10 23.24
CA GLY A 380 -2.15 -2.51 23.37
C GLY A 380 -1.96 -3.02 24.79
N GLY A 381 -3.02 -3.58 25.37
CA GLY A 381 -2.94 -4.13 26.71
C GLY A 381 -2.49 -3.19 27.82
N ILE A 382 -2.85 -1.91 27.72
CA ILE A 382 -2.47 -0.96 28.75
C ILE A 382 -3.64 -0.64 29.68
N HIS A 383 -3.34 -0.51 30.97
CA HIS A 383 -4.35 -0.18 31.96
C HIS A 383 -3.83 0.85 32.96
N VAL A 384 -4.67 1.24 33.91
CA VAL A 384 -4.30 2.26 34.89
C VAL A 384 -2.91 2.15 35.50
N TRP A 385 -2.47 0.94 35.85
CA TRP A 385 -1.14 0.77 36.44
C TRP A 385 0.01 1.13 35.50
N HIS A 386 -0.29 1.20 34.21
CA HIS A 386 0.74 1.54 33.22
C HIS A 386 0.84 3.04 32.99
N MET A 387 -0.08 3.81 33.56
CA MET A 387 -0.10 5.25 33.36
C MET A 387 1.21 5.96 33.73
N PRO A 388 1.81 5.62 34.88
CA PRO A 388 3.07 6.28 35.25
C PRO A 388 4.16 6.08 34.20
N ALA A 389 4.36 4.83 33.80
CA ALA A 389 5.38 4.51 32.80
C ALA A 389 5.11 5.17 31.45
N LEU A 390 3.86 5.07 30.98
CA LEU A 390 3.48 5.65 29.70
C LEU A 390 3.69 7.16 29.68
N THR A 391 3.27 7.83 30.73
CA THR A 391 3.42 9.28 30.83
C THR A 391 4.90 9.62 30.85
N GLU A 392 5.66 8.79 31.56
CA GLU A 392 7.09 8.95 31.70
C GLU A 392 7.83 8.80 30.36
N ILE A 393 7.56 7.70 29.68
CA ILE A 393 8.20 7.40 28.41
C ILE A 393 7.82 8.30 27.23
N PHE A 394 6.52 8.54 27.05
CA PHE A 394 6.05 9.37 25.93
C PHE A 394 5.96 10.86 26.18
N GLY A 395 5.72 11.27 27.42
CA GLY A 395 5.59 12.70 27.70
C GLY A 395 4.18 13.12 27.33
N ASP A 396 3.91 14.43 27.37
CA ASP A 396 2.58 14.95 27.06
C ASP A 396 2.09 14.79 25.63
N ASP A 397 3.00 14.90 24.67
CA ASP A 397 2.60 14.81 23.28
C ASP A 397 2.41 13.40 22.77
N SER A 398 1.33 12.79 23.23
CA SER A 398 0.99 11.42 22.85
C SER A 398 -0.49 11.16 23.10
N VAL A 399 -0.96 10.03 22.59
CA VAL A 399 -2.33 9.62 22.82
C VAL A 399 -2.23 8.23 23.42
N LEU A 400 -2.84 8.04 24.58
CA LEU A 400 -2.82 6.73 25.22
C LEU A 400 -4.16 6.08 24.92
N GLN A 401 -4.15 5.12 23.99
CA GLN A 401 -5.35 4.42 23.56
C GLN A 401 -5.60 3.13 24.29
N PHE A 402 -6.69 3.08 25.04
CA PHE A 402 -7.03 1.87 25.79
C PHE A 402 -8.05 1.04 25.02
N GLY A 403 -8.31 -0.15 25.55
CA GLY A 403 -9.29 -1.04 24.96
C GLY A 403 -10.11 -1.58 26.10
N GLY A 404 -9.67 -2.71 26.64
CA GLY A 404 -10.37 -3.29 27.78
C GLY A 404 -9.91 -2.51 28.99
N GLY A 405 -8.82 -1.78 28.83
CA GLY A 405 -8.29 -0.97 29.91
C GLY A 405 -9.35 -0.02 30.43
N THR A 406 -10.34 0.29 29.58
CA THR A 406 -11.43 1.17 29.99
C THR A 406 -12.76 0.43 29.89
N LEU A 407 -12.95 -0.32 28.80
CA LEU A 407 -14.19 -1.06 28.58
C LEU A 407 -14.32 -2.23 29.56
N GLY A 408 -13.21 -2.61 30.19
CA GLY A 408 -13.23 -3.71 31.12
C GLY A 408 -13.43 -3.31 32.57
N HIS A 409 -13.73 -2.04 32.80
CA HIS A 409 -13.95 -1.56 34.16
C HIS A 409 -15.23 -2.19 34.72
N PRO A 410 -15.17 -2.72 35.94
CA PRO A 410 -16.34 -3.36 36.56
C PRO A 410 -17.64 -2.53 36.61
N TRP A 411 -17.52 -1.22 36.58
CA TRP A 411 -18.72 -0.36 36.65
C TRP A 411 -19.17 0.20 35.30
N GLY A 412 -18.49 -0.18 34.22
CA GLY A 412 -18.88 0.30 32.92
C GLY A 412 -17.91 1.26 32.26
N ASN A 413 -18.26 1.71 31.07
CA ASN A 413 -17.42 2.62 30.29
C ASN A 413 -17.15 3.99 30.92
N ALA A 414 -18.19 4.66 31.40
CA ALA A 414 -17.99 5.99 31.99
C ALA A 414 -17.04 5.93 33.19
N PRO A 415 -17.27 4.98 34.12
CA PRO A 415 -16.38 4.88 35.28
C PRO A 415 -14.98 4.47 34.84
N GLY A 416 -14.91 3.63 33.80
CA GLY A 416 -13.62 3.19 33.30
C GLY A 416 -12.82 4.35 32.74
N ALA A 417 -13.49 5.22 32.00
CA ALA A 417 -12.85 6.38 31.40
C ALA A 417 -12.42 7.33 32.52
N ALA A 418 -13.27 7.47 33.53
CA ALA A 418 -12.94 8.35 34.66
C ALA A 418 -11.70 7.83 35.39
N ALA A 419 -11.63 6.52 35.59
CA ALA A 419 -10.48 5.93 36.27
C ALA A 419 -9.20 6.22 35.51
N ASN A 420 -9.25 6.09 34.19
CA ASN A 420 -8.08 6.35 33.37
C ASN A 420 -7.69 7.82 33.33
N ARG A 421 -8.70 8.69 33.30
CA ARG A 421 -8.47 10.14 33.29
C ARG A 421 -7.87 10.58 34.62
N VAL A 422 -8.39 10.03 35.72
CA VAL A 422 -7.88 10.35 37.05
C VAL A 422 -6.45 9.85 37.21
N ALA A 423 -6.23 8.59 36.83
CA ALA A 423 -4.90 8.00 36.92
C ALA A 423 -3.88 8.85 36.14
N LEU A 424 -4.24 9.25 34.93
CA LEU A 424 -3.35 10.05 34.11
C LEU A 424 -3.02 11.40 34.74
N GLU A 425 -4.04 12.12 35.21
CA GLU A 425 -3.83 13.43 35.81
C GLU A 425 -3.02 13.34 37.10
N ALA A 426 -3.20 12.24 37.84
CA ALA A 426 -2.45 12.04 39.07
C ALA A 426 -0.97 11.94 38.71
N CYS A 427 -0.68 11.25 37.61
CA CYS A 427 0.69 11.08 37.15
C CYS A 427 1.26 12.42 36.71
N VAL A 428 0.47 13.19 35.95
CA VAL A 428 0.90 14.49 35.47
C VAL A 428 1.19 15.42 36.66
N GLN A 429 0.27 15.50 37.61
CA GLN A 429 0.48 16.35 38.78
C GLN A 429 1.79 16.00 39.48
N ALA A 430 1.99 14.70 39.74
CA ALA A 430 3.20 14.23 40.43
C ALA A 430 4.45 14.54 39.62
N ARG A 431 4.39 14.32 38.30
CA ARG A 431 5.54 14.61 37.47
C ARG A 431 5.87 16.09 37.51
N ASN A 432 4.84 16.93 37.42
CA ASN A 432 5.03 18.38 37.45
C ASN A 432 5.66 18.86 38.75
N GLU A 433 5.38 18.15 39.84
CA GLU A 433 5.94 18.53 41.14
C GLU A 433 7.39 18.09 41.24
N GLY A 434 7.85 17.30 40.27
CA GLY A 434 9.22 16.84 40.28
C GLY A 434 9.41 15.41 40.76
N ARG A 435 8.31 14.70 41.01
CA ARG A 435 8.41 13.32 41.47
C ARG A 435 8.87 12.40 40.35
N ASP A 436 9.44 11.26 40.73
CA ASP A 436 9.94 10.28 39.78
C ASP A 436 8.87 9.24 39.44
N LEU A 437 8.26 9.37 38.27
CA LEU A 437 7.22 8.44 37.85
C LEU A 437 7.72 7.02 37.70
N ALA A 438 8.98 6.87 37.28
CA ALA A 438 9.57 5.56 37.09
C ALA A 438 9.79 4.81 38.41
N ARG A 439 9.95 5.56 39.51
CA ARG A 439 10.17 4.95 40.81
C ARG A 439 8.99 5.05 41.77
N GLU A 440 8.22 6.13 41.65
CA GLU A 440 7.07 6.36 42.52
C GLU A 440 5.73 6.05 41.86
N GLY A 441 5.79 5.47 40.66
CA GLY A 441 4.58 5.14 39.93
C GLY A 441 3.45 4.49 40.73
N ASN A 442 3.73 3.33 41.33
CA ASN A 442 2.71 2.63 42.10
C ASN A 442 2.15 3.43 43.27
N GLU A 443 2.99 4.17 43.96
CA GLU A 443 2.52 4.97 45.09
C GLU A 443 1.62 6.10 44.63
N ILE A 444 1.96 6.70 43.49
CA ILE A 444 1.17 7.78 42.93
C ILE A 444 -0.24 7.29 42.62
N ILE A 445 -0.32 6.11 42.01
CA ILE A 445 -1.60 5.51 41.65
C ILE A 445 -2.35 5.10 42.92
N ARG A 446 -1.67 4.44 43.84
CA ARG A 446 -2.32 4.02 45.08
C ARG A 446 -2.87 5.23 45.84
N SER A 447 -2.11 6.31 45.83
CA SER A 447 -2.53 7.53 46.52
C SER A 447 -3.79 8.11 45.89
N ALA A 448 -3.88 8.07 44.56
CA ALA A 448 -5.04 8.60 43.86
C ALA A 448 -6.28 7.75 44.10
N CYS A 449 -6.08 6.47 44.39
CA CYS A 449 -7.19 5.56 44.66
C CYS A 449 -7.95 5.98 45.91
N LYS A 450 -7.29 6.73 46.79
CA LYS A 450 -7.90 7.20 48.02
C LYS A 450 -9.11 8.10 47.82
N TRP A 451 -9.06 8.97 46.82
CA TRP A 451 -10.17 9.88 46.58
C TRP A 451 -10.97 9.57 45.32
N SER A 452 -10.57 8.51 44.61
CA SER A 452 -11.29 8.13 43.40
C SER A 452 -11.77 6.68 43.45
N PRO A 453 -13.03 6.46 43.84
CA PRO A 453 -13.58 5.10 43.92
C PRO A 453 -13.46 4.37 42.59
N GLU A 454 -13.59 5.13 41.50
CA GLU A 454 -13.51 4.57 40.16
C GLU A 454 -12.11 3.99 39.92
N LEU A 455 -11.08 4.76 40.25
CA LEU A 455 -9.71 4.29 40.06
C LEU A 455 -9.44 3.09 40.98
N ALA A 456 -9.91 3.17 42.22
CA ALA A 456 -9.71 2.09 43.17
C ALA A 456 -10.26 0.77 42.61
N ALA A 457 -11.47 0.83 42.06
CA ALA A 457 -12.11 -0.35 41.50
C ALA A 457 -11.33 -0.91 40.31
N ALA A 458 -10.68 -0.03 39.56
CA ALA A 458 -9.90 -0.45 38.41
C ALA A 458 -8.59 -1.10 38.85
N CYS A 459 -7.99 -0.56 39.91
CA CYS A 459 -6.74 -1.08 40.44
C CYS A 459 -6.90 -2.41 41.16
N GLU A 460 -8.15 -2.84 41.34
CA GLU A 460 -8.40 -4.09 42.03
C GLU A 460 -8.52 -5.25 41.05
N ILE A 461 -8.93 -4.95 39.82
CA ILE A 461 -9.08 -5.98 38.80
C ILE A 461 -7.80 -6.20 38.00
N TRP A 462 -7.01 -5.14 37.84
CA TRP A 462 -5.76 -5.23 37.10
C TRP A 462 -4.54 -5.23 38.03
N MET B 2 -21.30 -0.71 42.91
CA MET B 2 -21.14 -0.08 41.60
C MET B 2 -21.67 1.36 41.65
N GLN B 3 -20.84 2.32 41.28
CA GLN B 3 -21.25 3.72 41.30
C GLN B 3 -21.44 4.27 39.88
N VAL B 4 -22.49 5.07 39.71
CA VAL B 4 -22.80 5.67 38.42
C VAL B 4 -22.15 7.04 38.30
N TRP B 5 -21.40 7.26 37.22
CA TRP B 5 -20.72 8.53 37.01
C TRP B 5 -21.75 9.65 36.83
N PRO B 6 -21.63 10.72 37.63
CA PRO B 6 -22.56 11.86 37.57
C PRO B 6 -22.76 12.46 36.18
N ILE B 7 -23.97 12.92 35.90
CA ILE B 7 -24.30 13.54 34.62
C ILE B 7 -24.34 15.06 34.71
N GLU B 8 -24.35 15.60 35.92
CA GLU B 8 -24.38 17.05 36.11
C GLU B 8 -23.54 17.47 37.30
N GLY B 9 -23.20 18.75 37.34
CA GLY B 9 -22.41 19.28 38.44
C GLY B 9 -20.92 19.03 38.42
N ILE B 10 -20.46 18.21 37.49
CA ILE B 10 -19.03 17.94 37.39
C ILE B 10 -18.44 18.29 36.04
N LYS B 11 -18.85 19.43 35.51
CA LYS B 11 -18.34 19.91 34.22
C LYS B 11 -16.82 20.03 34.40
N LYS B 12 -16.06 19.88 33.33
CA LYS B 12 -14.60 19.93 33.45
C LYS B 12 -13.87 21.07 32.75
N PHE B 13 -12.58 21.21 33.09
CA PHE B 13 -11.74 22.28 32.54
C PHE B 13 -10.39 21.73 32.09
N GLU B 14 -10.44 20.59 31.42
CA GLU B 14 -9.24 19.94 30.94
C GLU B 14 -8.24 19.53 32.03
N THR B 15 -6.96 19.52 31.71
CA THR B 15 -5.92 19.06 32.63
C THR B 15 -5.98 19.47 34.11
N LEU B 16 -6.07 18.45 34.96
CA LEU B 16 -6.12 18.55 36.41
C LEU B 16 -7.52 18.71 36.99
N SER B 17 -8.52 18.94 36.12
CA SER B 17 -9.88 19.12 36.59
C SER B 17 -10.53 17.83 37.11
N TYR B 18 -9.85 16.70 36.95
CA TYR B 18 -10.40 15.44 37.46
C TYR B 18 -9.81 15.10 38.82
N LEU B 19 -8.92 15.95 39.32
CA LEU B 19 -8.31 15.76 40.62
C LEU B 19 -9.16 16.57 41.60
N PRO B 20 -9.05 16.27 42.92
CA PRO B 20 -9.86 17.05 43.86
C PRO B 20 -9.38 18.50 43.80
N PRO B 21 -10.15 19.43 44.39
CA PRO B 21 -9.72 20.83 44.36
C PRO B 21 -8.30 20.96 44.90
N LEU B 22 -7.43 21.66 44.19
CA LEU B 22 -6.05 21.83 44.63
C LEU B 22 -5.95 22.78 45.82
N THR B 23 -5.03 22.48 46.73
CA THR B 23 -4.81 23.33 47.90
C THR B 23 -3.86 24.43 47.45
N VAL B 24 -3.65 25.42 48.29
CA VAL B 24 -2.76 26.51 47.95
C VAL B 24 -1.35 25.96 47.68
N GLU B 25 -0.94 24.98 48.47
CA GLU B 25 0.39 24.38 48.32
C GLU B 25 0.53 23.61 47.00
N ASP B 26 -0.48 22.82 46.66
CA ASP B 26 -0.45 22.05 45.43
C ASP B 26 -0.49 23.00 44.24
N LEU B 27 -1.25 24.07 44.37
CA LEU B 27 -1.36 25.06 43.32
C LEU B 27 0.01 25.70 43.08
N LEU B 28 0.68 26.07 44.17
CA LEU B 28 2.00 26.67 44.08
C LEU B 28 2.96 25.74 43.35
N LYS B 29 2.88 24.46 43.64
CA LYS B 29 3.75 23.51 42.99
C LYS B 29 3.58 23.53 41.47
N GLN B 30 2.34 23.54 41.00
CA GLN B 30 2.11 23.58 39.56
C GLN B 30 2.65 24.86 38.94
N ILE B 31 2.55 25.97 39.67
CA ILE B 31 3.06 27.25 39.17
C ILE B 31 4.57 27.17 39.07
N GLU B 32 5.20 26.62 40.10
CA GLU B 32 6.65 26.46 40.14
C GLU B 32 7.12 25.60 38.97
N TYR B 33 6.31 24.62 38.61
CA TYR B 33 6.63 23.73 37.51
C TYR B 33 6.81 24.57 36.25
N LEU B 34 5.90 25.51 36.04
CA LEU B 34 5.96 26.40 34.89
C LEU B 34 7.22 27.25 34.94
N LEU B 35 7.47 27.86 36.10
CA LEU B 35 8.64 28.72 36.26
C LEU B 35 9.95 27.96 36.05
N ARG B 36 10.04 26.76 36.61
CA ARG B 36 11.26 25.97 36.45
C ARG B 36 11.44 25.53 35.01
N SER B 37 10.33 25.37 34.30
CA SER B 37 10.37 24.97 32.89
C SER B 37 10.61 26.17 31.99
N LYS B 38 10.78 27.34 32.59
CA LYS B 38 11.04 28.56 31.85
C LYS B 38 9.83 28.96 31.00
N TRP B 39 8.63 28.67 31.47
CA TRP B 39 7.42 29.05 30.75
C TRP B 39 6.79 30.25 31.43
N VAL B 40 6.07 31.05 30.66
CA VAL B 40 5.44 32.25 31.19
C VAL B 40 4.01 32.05 31.63
N PRO B 41 3.72 32.20 32.93
CA PRO B 41 2.37 32.03 33.46
C PRO B 41 1.48 33.22 33.13
N CYS B 42 0.19 32.96 32.98
CA CYS B 42 -0.78 34.00 32.67
C CYS B 42 -2.15 33.55 33.16
N LEU B 43 -2.95 34.48 33.66
CA LEU B 43 -4.28 34.14 34.14
C LEU B 43 -5.34 34.51 33.10
N GLU B 44 -6.39 33.71 33.04
CA GLU B 44 -7.51 33.96 32.13
C GLU B 44 -8.77 33.72 32.94
N PHE B 45 -9.82 34.47 32.65
CA PHE B 45 -11.07 34.32 33.38
C PHE B 45 -12.28 34.41 32.47
N SER B 46 -13.41 33.87 32.93
CA SER B 46 -14.63 33.87 32.14
C SER B 46 -15.85 33.57 33.01
N LYS B 47 -17.00 34.09 32.62
CA LYS B 47 -18.23 33.82 33.36
C LYS B 47 -18.92 32.61 32.75
N VAL B 48 -18.39 32.19 31.61
CA VAL B 48 -18.88 31.00 30.89
C VAL B 48 -17.69 30.08 30.95
N GLY B 49 -17.85 28.90 31.55
CA GLY B 49 -16.71 28.01 31.68
C GLY B 49 -16.52 26.89 30.68
N PHE B 50 -17.39 26.79 29.67
CA PHE B 50 -17.25 25.68 28.74
C PHE B 50 -17.38 26.05 27.27
N VAL B 51 -16.97 25.11 26.42
CA VAL B 51 -17.03 25.33 24.99
C VAL B 51 -18.46 25.16 24.49
N TYR B 52 -18.74 25.81 23.36
CA TYR B 52 -20.05 25.71 22.74
C TYR B 52 -19.87 26.00 21.24
N ARG B 53 -20.96 25.95 20.48
CA ARG B 53 -20.91 26.21 19.06
C ARG B 53 -22.10 27.08 18.69
N GLU B 54 -21.84 28.36 18.49
CA GLU B 54 -22.88 29.32 18.17
C GLU B 54 -22.74 29.92 16.79
N ASN B 55 -21.50 30.30 16.44
CA ASN B 55 -21.24 30.93 15.17
C ASN B 55 -20.89 30.02 14.01
N HIS B 56 -20.52 28.77 14.30
CA HIS B 56 -20.18 27.84 13.24
C HIS B 56 -20.09 26.43 13.77
N ARG B 57 -20.23 25.45 12.89
CA ARG B 57 -20.16 24.05 13.29
C ARG B 57 -19.26 23.27 12.34
N SER B 58 -18.36 23.97 11.66
CA SER B 58 -17.44 23.32 10.74
C SER B 58 -16.35 22.63 11.55
N PRO B 59 -15.66 21.64 10.96
CA PRO B 59 -14.61 20.91 11.67
C PRO B 59 -13.58 21.82 12.33
N GLY B 60 -13.30 21.57 13.61
CA GLY B 60 -12.32 22.36 14.32
C GLY B 60 -12.78 23.71 14.82
N TYR B 61 -14.01 24.11 14.53
CA TYR B 61 -14.48 25.40 15.02
C TYR B 61 -15.37 25.26 16.24
N TYR B 62 -15.03 26.00 17.28
CA TYR B 62 -15.78 26.01 18.53
C TYR B 62 -15.69 27.40 19.13
N ASP B 63 -16.75 27.77 19.84
CA ASP B 63 -16.76 29.05 20.55
C ASP B 63 -16.47 28.66 22.00
N GLY B 64 -16.11 29.64 22.83
CA GLY B 64 -15.85 29.34 24.22
C GLY B 64 -14.47 28.78 24.54
N ARG B 65 -13.59 28.71 23.56
CA ARG B 65 -12.24 28.21 23.80
C ARG B 65 -11.42 29.34 24.41
N TYR B 66 -11.51 30.51 23.79
CA TYR B 66 -10.80 31.69 24.32
C TYR B 66 -11.56 32.20 25.55
N TRP B 67 -10.81 32.65 26.54
CA TRP B 67 -11.37 33.26 27.74
C TRP B 67 -10.74 34.65 27.71
N THR B 68 -10.92 35.42 28.77
CA THR B 68 -10.34 36.77 28.81
C THR B 68 -9.04 36.80 29.60
N MET B 69 -8.04 37.50 29.07
CA MET B 69 -6.75 37.57 29.75
C MET B 69 -6.79 38.49 30.96
N TRP B 70 -6.25 38.00 32.07
CA TRP B 70 -6.18 38.81 33.27
C TRP B 70 -4.84 39.53 33.16
N LYS B 71 -4.88 40.84 32.91
CA LYS B 71 -3.68 41.63 32.76
C LYS B 71 -2.79 41.04 31.65
N LEU B 72 -1.53 40.76 31.94
CA LEU B 72 -0.64 40.21 30.92
C LEU B 72 0.19 39.02 31.40
N PRO B 73 0.82 38.30 30.46
CA PRO B 73 1.65 37.16 30.83
C PRO B 73 2.73 37.68 31.75
N MET B 74 3.00 36.95 32.83
CA MET B 74 4.00 37.39 33.79
C MET B 74 5.44 37.03 33.41
N PHE B 75 5.96 37.75 32.42
CA PHE B 75 7.31 37.54 31.95
C PHE B 75 8.34 37.83 33.05
N GLY B 76 9.38 37.00 33.12
CA GLY B 76 10.41 37.19 34.11
C GLY B 76 10.01 36.86 35.54
N CYS B 77 8.86 36.22 35.72
CA CYS B 77 8.41 35.85 37.05
C CYS B 77 9.31 34.76 37.61
N THR B 78 9.73 34.93 38.87
CA THR B 78 10.61 33.96 39.52
C THR B 78 10.01 33.55 40.86
N ASP B 79 8.93 34.20 41.25
CA ASP B 79 8.27 33.91 42.52
C ASP B 79 6.83 33.46 42.31
N ALA B 80 6.61 32.15 42.43
CA ALA B 80 5.27 31.57 42.25
C ALA B 80 4.18 32.28 43.05
N THR B 81 4.53 32.77 44.24
CA THR B 81 3.53 33.46 45.07
C THR B 81 3.00 34.71 44.39
N GLN B 82 3.76 35.23 43.42
CA GLN B 82 3.34 36.42 42.69
C GLN B 82 2.10 36.09 41.85
N VAL B 83 2.06 34.87 41.33
CA VAL B 83 0.94 34.41 40.53
C VAL B 83 -0.28 34.26 41.44
N LEU B 84 -0.07 33.70 42.62
CA LEU B 84 -1.12 33.50 43.60
C LEU B 84 -1.76 34.85 43.92
N LYS B 85 -0.94 35.87 44.04
CA LYS B 85 -1.42 37.21 44.33
C LYS B 85 -2.38 37.71 43.27
N GLU B 86 -2.02 37.51 42.01
CA GLU B 86 -2.88 37.93 40.91
C GLU B 86 -4.15 37.10 40.93
N LEU B 87 -4.02 35.81 41.25
CA LEU B 87 -5.17 34.93 41.31
C LEU B 87 -6.17 35.44 42.34
N GLU B 88 -5.65 35.90 43.49
CA GLU B 88 -6.51 36.43 44.54
C GLU B 88 -7.19 37.72 44.12
N GLU B 89 -6.47 38.57 43.39
CA GLU B 89 -7.04 39.84 42.93
C GLU B 89 -8.17 39.57 41.95
N ALA B 90 -7.95 38.61 41.05
CA ALA B 90 -8.95 38.25 40.04
C ALA B 90 -10.21 37.76 40.73
N LYS B 91 -10.04 36.88 41.72
CA LYS B 91 -11.15 36.33 42.48
C LYS B 91 -11.95 37.42 43.17
N LYS B 92 -11.26 38.46 43.63
CA LYS B 92 -11.90 39.57 44.32
C LYS B 92 -12.68 40.45 43.34
N ALA B 93 -12.09 40.69 42.18
CA ALA B 93 -12.72 41.51 41.15
C ALA B 93 -13.83 40.77 40.42
N TYR B 94 -13.66 39.46 40.28
CA TYR B 94 -14.65 38.62 39.59
C TYR B 94 -14.90 37.32 40.36
N PRO B 95 -15.56 37.40 41.52
CA PRO B 95 -15.86 36.21 42.33
C PRO B 95 -16.80 35.23 41.64
N ASP B 96 -17.62 35.74 40.71
CA ASP B 96 -18.56 34.90 39.99
C ASP B 96 -18.01 34.45 38.64
N ALA B 97 -16.68 34.41 38.52
CA ALA B 97 -16.05 33.99 37.28
C ALA B 97 -15.05 32.86 37.49
N PHE B 98 -14.86 32.05 36.45
CA PHE B 98 -13.90 30.96 36.52
C PHE B 98 -12.54 31.58 36.19
N VAL B 99 -11.49 31.08 36.81
CA VAL B 99 -10.15 31.59 36.55
C VAL B 99 -9.19 30.42 36.35
N ARG B 100 -8.47 30.43 35.24
CA ARG B 100 -7.52 29.38 34.96
C ARG B 100 -6.13 29.94 34.74
N ILE B 101 -5.12 29.12 35.00
CA ILE B 101 -3.73 29.52 34.82
C ILE B 101 -3.19 28.82 33.59
N ILE B 102 -2.60 29.59 32.69
CA ILE B 102 -2.03 29.04 31.48
C ILE B 102 -0.56 29.40 31.42
N GLY B 103 0.16 28.73 30.52
CA GLY B 103 1.57 28.98 30.37
C GLY B 103 1.98 29.03 28.92
N PHE B 104 2.96 29.87 28.62
CA PHE B 104 3.46 30.02 27.26
C PHE B 104 4.95 29.73 27.21
N ASP B 105 5.39 29.22 26.07
CA ASP B 105 6.80 28.92 25.84
C ASP B 105 7.21 29.73 24.61
N ASN B 106 8.24 30.55 24.76
CA ASN B 106 8.72 31.36 23.64
C ASN B 106 9.56 30.47 22.73
N VAL B 107 9.98 29.32 23.28
CA VAL B 107 10.78 28.35 22.54
C VAL B 107 9.89 27.56 21.60
N ARG B 108 8.85 26.93 22.14
CA ARG B 108 7.93 26.18 21.30
C ARG B 108 7.02 27.19 20.64
N GLN B 109 7.11 28.44 21.10
CA GLN B 109 6.31 29.53 20.55
C GLN B 109 4.86 29.11 20.62
N VAL B 110 4.38 28.79 21.80
CA VAL B 110 3.02 28.32 21.90
C VAL B 110 2.47 28.19 23.31
N GLN B 111 1.15 28.02 23.39
CA GLN B 111 0.52 27.81 24.68
C GLN B 111 0.74 26.32 24.92
N CYS B 112 1.16 25.97 26.13
CA CYS B 112 1.42 24.57 26.45
C CYS B 112 0.83 24.13 27.79
N ILE B 113 0.17 25.06 28.49
CA ILE B 113 -0.42 24.77 29.79
C ILE B 113 -1.77 25.44 29.99
N SER B 114 -2.63 24.78 30.77
CA SER B 114 -3.95 25.31 31.11
C SER B 114 -4.64 24.45 32.17
N PHE B 115 -4.83 25.01 33.36
CA PHE B 115 -5.51 24.31 34.43
C PHE B 115 -6.33 25.26 35.29
N ILE B 116 -7.52 24.81 35.67
CA ILE B 116 -8.43 25.62 36.48
C ILE B 116 -7.79 25.94 37.83
N ALA B 117 -8.01 27.16 38.33
CA ALA B 117 -7.45 27.57 39.60
C ALA B 117 -8.52 28.06 40.57
N TYR B 118 -9.69 28.40 40.03
CA TYR B 118 -10.79 28.88 40.84
C TYR B 118 -12.13 28.74 40.12
N LYS B 119 -13.15 28.36 40.89
CA LYS B 119 -14.50 28.20 40.38
C LYS B 119 -15.43 28.91 41.35
N PRO B 120 -16.40 29.69 40.83
CA PRO B 120 -17.33 30.41 41.69
C PRO B 120 -18.24 29.47 42.48
N PRO B 121 -18.78 29.96 43.62
CA PRO B 121 -19.67 29.17 44.48
C PRO B 121 -20.90 28.65 43.76
N LYS C 21 -6.22 -24.80 23.15
CA LYS C 21 -6.90 -24.08 22.05
C LYS C 21 -7.82 -23.22 22.75
N LEU C 22 -8.97 -23.01 22.16
CA LEU C 22 -9.88 -22.06 22.74
C LEU C 22 -11.31 -22.13 22.23
N THR C 23 -11.89 -20.97 22.01
CA THR C 23 -13.20 -20.77 21.36
C THR C 23 -12.86 -20.78 19.85
N TYR C 24 -11.57 -20.51 19.61
CA TYR C 24 -10.92 -20.36 18.31
C TYR C 24 -10.38 -21.60 17.61
N TYR C 25 -10.22 -22.70 18.32
CA TYR C 25 -9.73 -23.88 17.63
C TYR C 25 -10.87 -24.88 17.50
N THR C 26 -11.37 -25.00 16.29
CA THR C 26 -12.50 -25.88 16.00
C THR C 26 -12.15 -26.81 14.84
N PRO C 27 -11.32 -27.84 15.11
CA PRO C 27 -10.85 -28.83 14.14
C PRO C 27 -11.89 -29.60 13.33
N GLU C 28 -13.16 -29.52 13.70
CA GLU C 28 -14.18 -30.21 12.93
C GLU C 28 -15.19 -29.25 12.30
N TYR C 29 -14.84 -27.96 12.30
CA TYR C 29 -15.70 -26.95 11.71
C TYR C 29 -15.78 -27.18 10.21
N GLU C 30 -16.99 -27.17 9.66
CA GLU C 30 -17.15 -27.34 8.23
C GLU C 30 -17.27 -25.95 7.62
N THR C 31 -16.28 -25.57 6.82
CA THR C 31 -16.27 -24.25 6.20
C THR C 31 -17.53 -24.02 5.38
N LYS C 32 -18.01 -22.78 5.36
CA LYS C 32 -19.19 -22.42 4.60
C LYS C 32 -18.75 -21.92 3.23
N ASP C 33 -19.63 -22.08 2.23
CA ASP C 33 -19.30 -21.65 0.88
C ASP C 33 -19.11 -20.14 0.78
N THR C 34 -19.47 -19.42 1.83
CA THR C 34 -19.32 -17.96 1.85
C THR C 34 -18.14 -17.50 2.70
N ASP C 35 -17.51 -18.43 3.41
CA ASP C 35 -16.36 -18.06 4.25
C ASP C 35 -15.13 -17.70 3.44
N ILE C 36 -14.34 -16.77 3.95
CA ILE C 36 -13.09 -16.45 3.31
C ILE C 36 -12.13 -17.31 4.11
N LEU C 37 -11.35 -18.14 3.44
CA LEU C 37 -10.42 -19.02 4.13
C LEU C 37 -8.98 -18.56 3.97
N ALA C 38 -8.19 -18.77 5.00
CA ALA C 38 -6.79 -18.38 4.98
C ALA C 38 -5.89 -19.53 5.40
N ALA C 39 -4.74 -19.63 4.75
CA ALA C 39 -3.76 -20.65 5.07
C ALA C 39 -2.53 -19.90 5.55
N PHE C 40 -2.24 -20.00 6.84
CA PHE C 40 -1.10 -19.33 7.44
C PHE C 40 0.04 -20.30 7.77
N ARG C 41 1.26 -19.91 7.43
CA ARG C 41 2.42 -20.72 7.78
C ARG C 41 2.86 -20.08 9.09
N VAL C 42 2.62 -20.76 10.20
CA VAL C 42 2.95 -20.22 11.52
C VAL C 42 4.17 -20.88 12.17
N THR C 43 5.01 -20.06 12.78
CA THR C 43 6.20 -20.54 13.49
C THR C 43 6.02 -20.11 14.94
N PRO C 44 5.51 -21.02 15.78
CA PRO C 44 5.28 -20.71 17.20
C PRO C 44 6.57 -20.44 17.97
N GLN C 45 6.44 -19.66 19.04
CA GLN C 45 7.58 -19.35 19.90
C GLN C 45 7.80 -20.62 20.71
N PRO C 46 9.00 -20.80 21.28
CA PRO C 46 9.25 -22.01 22.07
C PRO C 46 8.22 -22.13 23.19
N GLY C 47 7.64 -23.32 23.33
CA GLY C 47 6.66 -23.53 24.38
C GLY C 47 5.21 -23.25 24.01
N VAL C 48 4.98 -22.89 22.74
CA VAL C 48 3.63 -22.60 22.29
C VAL C 48 3.15 -23.73 21.38
N PRO C 49 2.24 -24.57 21.89
CA PRO C 49 1.69 -25.70 21.13
C PRO C 49 1.08 -25.24 19.82
N PRO C 50 1.14 -26.10 18.78
CA PRO C 50 0.57 -25.73 17.48
C PRO C 50 -0.92 -25.39 17.57
N GLU C 51 -1.64 -26.13 18.40
CA GLU C 51 -3.08 -25.89 18.57
C GLU C 51 -3.31 -24.48 19.09
N GLU C 52 -2.54 -24.07 20.10
CA GLU C 52 -2.66 -22.74 20.67
C GLU C 52 -2.27 -21.66 19.67
N ALA C 53 -1.20 -21.93 18.92
CA ALA C 53 -0.73 -20.98 17.92
C ALA C 53 -1.82 -20.77 16.87
N GLY C 54 -2.44 -21.86 16.44
CA GLY C 54 -3.49 -21.76 15.44
C GLY C 54 -4.68 -20.98 15.96
N ALA C 55 -5.11 -21.31 17.18
CA ALA C 55 -6.25 -20.62 17.78
C ALA C 55 -5.91 -19.13 17.90
N ALA C 56 -4.67 -18.84 18.29
CA ALA C 56 -4.21 -17.47 18.44
C ALA C 56 -4.27 -16.72 17.11
N VAL C 57 -3.79 -17.36 16.06
CA VAL C 57 -3.81 -16.75 14.73
C VAL C 57 -5.25 -16.37 14.37
N ALA C 58 -6.18 -17.27 14.66
CA ALA C 58 -7.59 -17.03 14.36
C ALA C 58 -8.18 -15.94 15.25
N ALA C 59 -7.86 -16.01 16.55
CA ALA C 59 -8.38 -15.03 17.50
C ALA C 59 -7.82 -13.63 17.26
N GLU C 60 -6.50 -13.54 17.15
CA GLU C 60 -5.83 -12.24 16.95
C GLU C 60 -6.08 -11.59 15.60
N SER C 61 -6.67 -12.33 14.66
CA SER C 61 -6.97 -11.78 13.34
C SER C 61 -8.47 -11.58 13.17
N SER C 62 -9.20 -11.64 14.28
CA SER C 62 -10.65 -11.44 14.24
C SER C 62 -11.13 -10.73 15.49
N THR C 63 -11.41 -11.50 16.55
CA THR C 63 -11.89 -10.92 17.80
C THR C 63 -10.85 -11.01 18.91
N TRP C 70 -18.02 -5.97 28.55
CA TRP C 70 -19.47 -6.16 28.84
C TRP C 70 -20.32 -5.94 27.59
N THR C 71 -19.74 -5.30 26.58
CA THR C 71 -20.47 -5.03 25.34
C THR C 71 -20.62 -6.26 24.44
N ASP C 72 -19.83 -7.29 24.70
CA ASP C 72 -19.92 -8.52 23.90
C ASP C 72 -21.30 -9.13 24.10
N GLY C 73 -21.94 -8.76 25.21
CA GLY C 73 -23.26 -9.29 25.51
C GLY C 73 -24.36 -8.72 24.63
N LEU C 74 -24.02 -7.72 23.83
CA LEU C 74 -24.99 -7.10 22.93
C LEU C 74 -24.97 -7.72 21.54
N THR C 75 -24.23 -8.81 21.39
CA THR C 75 -24.12 -9.50 20.10
C THR C 75 -23.65 -10.93 20.32
N SER C 76 -23.29 -11.60 19.22
CA SER C 76 -22.82 -12.98 19.28
C SER C 76 -21.38 -13.06 18.79
N LEU C 77 -20.46 -13.29 19.73
CA LEU C 77 -19.04 -13.38 19.42
C LEU C 77 -18.72 -14.53 18.46
N ASP C 78 -19.49 -15.61 18.56
CA ASP C 78 -19.29 -16.78 17.70
C ASP C 78 -19.57 -16.44 16.24
N ARG C 79 -20.57 -15.59 16.01
CA ARG C 79 -20.97 -15.19 14.67
C ARG C 79 -19.92 -14.35 13.94
N TYR C 80 -19.00 -13.74 14.68
CA TYR C 80 -17.98 -12.88 14.08
C TYR C 80 -16.55 -13.31 14.34
N LYS C 81 -16.38 -14.45 14.99
CA LYS C 81 -15.04 -14.94 15.30
C LYS C 81 -14.40 -15.65 14.13
N GLY C 82 -13.09 -15.48 13.98
CA GLY C 82 -12.37 -16.19 12.94
C GLY C 82 -12.08 -17.49 13.66
N ARG C 83 -11.95 -18.60 12.95
CA ARG C 83 -11.67 -19.85 13.63
C ARG C 83 -10.72 -20.78 12.89
N CYS C 84 -9.76 -21.31 13.63
CA CYS C 84 -8.78 -22.22 13.07
C CYS C 84 -9.42 -23.60 13.06
N TYR C 85 -9.78 -24.08 11.87
CA TYR C 85 -10.43 -25.37 11.74
C TYR C 85 -9.50 -26.51 11.38
N HIS C 86 -8.21 -26.20 11.19
CA HIS C 86 -7.24 -27.23 10.84
C HIS C 86 -5.80 -26.78 11.03
N ILE C 87 -5.00 -27.67 11.60
CA ILE C 87 -3.58 -27.41 11.83
C ILE C 87 -2.78 -28.60 11.34
N GLU C 88 -1.66 -28.33 10.67
CA GLU C 88 -0.79 -29.38 10.17
C GLU C 88 0.65 -28.87 10.12
N PRO C 89 1.61 -29.78 10.30
CA PRO C 89 3.01 -29.37 10.28
C PRO C 89 3.51 -29.22 8.85
N VAL C 90 4.63 -28.53 8.67
CA VAL C 90 5.19 -28.35 7.34
C VAL C 90 6.29 -29.39 7.16
N VAL C 91 6.11 -30.28 6.19
CA VAL C 91 7.08 -31.32 5.92
C VAL C 91 8.47 -30.76 5.67
N GLY C 92 9.46 -31.33 6.36
CA GLY C 92 10.84 -30.89 6.19
C GLY C 92 11.19 -29.60 6.92
N GLU C 93 10.24 -29.04 7.65
CA GLU C 93 10.49 -27.80 8.39
C GLU C 93 10.47 -28.02 9.90
N ASP C 94 11.31 -27.27 10.60
CA ASP C 94 11.38 -27.37 12.04
C ASP C 94 10.48 -26.31 12.67
N ASN C 95 9.54 -26.76 13.50
CA ASN C 95 8.62 -25.86 14.19
C ASN C 95 7.82 -24.96 13.25
N GLN C 96 7.33 -25.53 12.15
CA GLN C 96 6.54 -24.76 11.19
C GLN C 96 5.24 -25.51 10.90
N TYR C 97 4.12 -24.79 10.95
CA TYR C 97 2.83 -25.40 10.69
C TYR C 97 1.96 -24.56 9.77
N ILE C 98 0.95 -25.18 9.18
CA ILE C 98 0.02 -24.48 8.32
C ILE C 98 -1.28 -24.49 9.11
N ALA C 99 -1.76 -23.30 9.45
CA ALA C 99 -3.01 -23.17 10.18
C ALA C 99 -4.06 -22.62 9.23
N TYR C 100 -5.19 -23.30 9.13
CA TYR C 100 -6.26 -22.85 8.25
C TYR C 100 -7.30 -22.13 9.10
N VAL C 101 -7.67 -20.92 8.67
CA VAL C 101 -8.64 -20.10 9.40
C VAL C 101 -9.80 -19.69 8.50
N ALA C 102 -11.01 -19.74 9.06
CA ALA C 102 -12.22 -19.38 8.32
C ALA C 102 -12.80 -18.09 8.89
N TYR C 103 -13.04 -17.11 8.01
CA TYR C 103 -13.61 -15.82 8.40
C TYR C 103 -14.99 -15.69 7.80
N PRO C 104 -15.98 -15.31 8.61
CA PRO C 104 -17.34 -15.16 8.06
C PRO C 104 -17.41 -14.02 7.05
N LEU C 105 -18.28 -14.19 6.06
CA LEU C 105 -18.46 -13.20 5.01
C LEU C 105 -18.79 -11.80 5.51
N ASP C 106 -19.60 -11.72 6.57
CA ASP C 106 -20.02 -10.45 7.14
C ASP C 106 -18.93 -9.53 7.69
N LEU C 107 -17.72 -10.04 7.86
CA LEU C 107 -16.65 -9.22 8.38
C LEU C 107 -16.05 -8.27 7.35
N PHE C 108 -16.25 -8.60 6.07
CA PHE C 108 -15.67 -7.82 4.99
C PHE C 108 -16.55 -6.84 4.25
N GLU C 109 -15.97 -5.67 3.94
CA GLU C 109 -16.71 -4.68 3.17
C GLU C 109 -16.65 -5.12 1.72
N GLU C 110 -17.80 -5.11 1.07
CA GLU C 110 -17.87 -5.52 -0.33
C GLU C 110 -17.02 -4.64 -1.23
N GLY C 111 -16.36 -5.27 -2.19
CA GLY C 111 -15.51 -4.55 -3.15
C GLY C 111 -14.26 -3.89 -2.63
N SER C 112 -13.87 -4.17 -1.39
CA SER C 112 -12.69 -3.55 -0.80
C SER C 112 -11.54 -4.48 -0.43
N VAL C 113 -10.55 -4.60 -1.32
CA VAL C 113 -9.39 -5.43 -1.04
C VAL C 113 -8.69 -4.85 0.18
N THR C 114 -8.73 -3.52 0.31
CA THR C 114 -8.13 -2.84 1.46
C THR C 114 -8.68 -3.40 2.77
N ASN C 115 -10.00 -3.52 2.87
CA ASN C 115 -10.61 -4.05 4.08
C ASN C 115 -10.32 -5.53 4.29
N MET C 116 -10.19 -6.29 3.20
CA MET C 116 -9.90 -7.71 3.32
C MET C 116 -8.50 -7.88 3.91
N PHE C 117 -7.55 -7.06 3.45
CA PHE C 117 -6.18 -7.14 3.97
C PHE C 117 -6.16 -6.68 5.43
N THR C 118 -6.84 -5.57 5.71
CA THR C 118 -6.91 -5.03 7.06
C THR C 118 -7.45 -6.07 8.04
N SER C 119 -8.55 -6.70 7.66
CA SER C 119 -9.20 -7.70 8.52
C SER C 119 -8.40 -8.97 8.78
N ILE C 120 -7.71 -9.45 7.76
CA ILE C 120 -6.96 -10.69 7.92
C ILE C 120 -5.49 -10.53 8.33
N VAL C 121 -4.77 -9.59 7.71
CA VAL C 121 -3.36 -9.40 8.06
C VAL C 121 -3.05 -8.08 8.75
N GLY C 122 -4.08 -7.37 9.18
CA GLY C 122 -3.83 -6.09 9.82
C GLY C 122 -3.18 -6.11 11.18
N ASN C 123 -3.41 -7.16 11.97
CA ASN C 123 -2.89 -7.20 13.32
C ASN C 123 -2.09 -8.42 13.77
N VAL C 124 -2.50 -9.60 13.32
CA VAL C 124 -1.87 -10.85 13.74
C VAL C 124 -0.37 -11.09 13.55
N PHE C 125 0.28 -10.43 12.58
CA PHE C 125 1.70 -10.67 12.38
C PHE C 125 2.63 -10.17 13.47
N GLY C 126 2.10 -9.41 14.42
CA GLY C 126 2.94 -8.92 15.49
C GLY C 126 2.73 -9.65 16.81
N PHE C 127 1.89 -10.67 16.81
CA PHE C 127 1.60 -11.40 18.04
C PHE C 127 2.86 -12.05 18.61
N LYS C 128 3.19 -11.69 19.84
CA LYS C 128 4.40 -12.20 20.49
C LYS C 128 4.51 -13.72 20.58
N ALA C 129 3.38 -14.41 20.70
CA ALA C 129 3.40 -15.87 20.80
C ALA C 129 3.89 -16.53 19.51
N LEU C 130 4.05 -15.73 18.46
CA LEU C 130 4.51 -16.24 17.17
C LEU C 130 5.88 -15.66 16.81
N ARG C 131 6.82 -16.52 16.44
CA ARG C 131 8.14 -16.05 16.06
C ARG C 131 8.06 -15.44 14.66
N ALA C 132 7.28 -16.08 13.80
CA ALA C 132 7.10 -15.62 12.43
C ALA C 132 5.74 -16.07 11.90
N LEU C 133 5.26 -15.39 10.88
CA LEU C 133 3.96 -15.71 10.30
C LEU C 133 3.90 -15.28 8.84
N ARG C 134 3.38 -16.15 7.99
CA ARG C 134 3.25 -15.84 6.57
C ARG C 134 1.90 -16.30 6.03
N LEU C 135 1.21 -15.42 5.31
CA LEU C 135 -0.07 -15.80 4.74
C LEU C 135 0.27 -16.44 3.39
N GLU C 136 -0.04 -17.72 3.25
CA GLU C 136 0.26 -18.45 2.02
C GLU C 136 -0.84 -18.40 0.95
N ASP C 137 -2.10 -18.48 1.37
CA ASP C 137 -3.19 -18.47 0.39
C ASP C 137 -4.48 -17.98 1.02
N LEU C 138 -5.45 -17.65 0.16
CA LEU C 138 -6.74 -17.15 0.60
C LEU C 138 -7.80 -17.74 -0.32
N ARG C 139 -8.86 -18.29 0.27
CA ARG C 139 -9.93 -18.86 -0.52
C ARG C 139 -10.97 -17.76 -0.65
N ILE C 140 -11.05 -17.15 -1.83
CA ILE C 140 -12.01 -16.08 -2.07
C ILE C 140 -13.31 -16.71 -2.54
N PRO C 141 -14.36 -16.67 -1.70
CA PRO C 141 -15.65 -17.26 -2.10
C PRO C 141 -16.34 -16.43 -3.19
N PRO C 142 -17.04 -17.11 -4.11
CA PRO C 142 -17.75 -16.41 -5.19
C PRO C 142 -18.64 -15.28 -4.69
N THR C 143 -19.26 -15.50 -3.53
CA THR C 143 -20.15 -14.50 -2.95
C THR C 143 -19.42 -13.19 -2.67
N TYR C 144 -18.14 -13.27 -2.34
CA TYR C 144 -17.38 -12.06 -2.08
C TYR C 144 -16.75 -11.49 -3.34
N SER C 145 -16.20 -12.36 -4.19
CA SER C 145 -15.55 -11.87 -5.41
C SER C 145 -16.55 -11.19 -6.35
N LYS C 146 -17.82 -11.60 -6.29
CA LYS C 146 -18.84 -11.00 -7.14
C LYS C 146 -19.13 -9.55 -6.78
N THR C 147 -18.52 -9.06 -5.70
CA THR C 147 -18.71 -7.68 -5.28
C THR C 147 -17.57 -6.79 -5.80
N PHE C 148 -16.71 -7.38 -6.63
CA PHE C 148 -15.58 -6.67 -7.21
C PHE C 148 -15.70 -6.62 -8.73
N GLN C 149 -15.34 -5.48 -9.31
CA GLN C 149 -15.38 -5.36 -10.77
C GLN C 149 -14.36 -6.34 -11.36
N GLY C 150 -13.17 -6.36 -10.76
CA GLY C 150 -12.12 -7.23 -11.27
C GLY C 150 -11.38 -6.53 -12.40
N PRO C 151 -10.70 -7.30 -13.27
CA PRO C 151 -9.95 -6.71 -14.39
C PRO C 151 -10.81 -5.81 -15.27
N PRO C 152 -10.27 -4.64 -15.66
CA PRO C 152 -11.05 -3.74 -16.52
C PRO C 152 -11.50 -4.46 -17.79
N HIS C 153 -10.66 -5.38 -18.27
CA HIS C 153 -11.00 -6.12 -19.48
C HIS C 153 -10.72 -7.61 -19.41
N GLY C 154 -9.50 -7.99 -19.07
CA GLY C 154 -9.18 -9.41 -18.98
C GLY C 154 -8.59 -9.96 -20.26
N ILE C 155 -7.94 -11.11 -20.15
CA ILE C 155 -7.25 -11.77 -21.25
C ILE C 155 -7.98 -11.83 -22.59
N GLN C 156 -9.18 -12.41 -22.60
CA GLN C 156 -9.94 -12.54 -23.83
C GLN C 156 -10.30 -11.20 -24.49
N VAL C 157 -10.81 -10.27 -23.69
CA VAL C 157 -11.18 -8.97 -24.24
C VAL C 157 -9.95 -8.24 -24.79
N GLU C 158 -8.83 -8.32 -24.08
CA GLU C 158 -7.62 -7.65 -24.53
C GLU C 158 -7.19 -8.19 -25.90
N ARG C 159 -7.20 -9.51 -26.05
CA ARG C 159 -6.80 -10.11 -27.31
C ARG C 159 -7.72 -9.63 -28.44
N ASP C 160 -9.02 -9.57 -28.17
CA ASP C 160 -9.96 -9.12 -29.21
C ASP C 160 -9.78 -7.63 -29.51
N LYS C 161 -9.51 -6.83 -28.47
CA LYS C 161 -9.32 -5.40 -28.66
C LYS C 161 -8.07 -5.11 -29.50
N LEU C 162 -6.98 -5.81 -29.20
CA LEU C 162 -5.72 -5.61 -29.91
C LEU C 162 -5.57 -6.48 -31.16
N ASN C 163 -6.53 -7.38 -31.37
CA ASN C 163 -6.54 -8.27 -32.52
C ASN C 163 -5.25 -9.10 -32.58
N LYS C 164 -4.87 -9.66 -31.44
CA LYS C 164 -3.67 -10.49 -31.34
C LYS C 164 -4.02 -11.88 -30.83
N TYR C 165 -3.58 -12.91 -31.55
CA TYR C 165 -3.88 -14.29 -31.20
C TYR C 165 -2.75 -15.27 -31.47
N GLY C 166 -2.76 -16.39 -30.76
CA GLY C 166 -1.78 -17.45 -30.98
C GLY C 166 -0.33 -17.27 -30.58
N ARG C 167 -0.03 -16.34 -29.67
CA ARG C 167 1.35 -16.16 -29.24
C ARG C 167 1.46 -15.25 -28.04
N PRO C 168 2.53 -15.40 -27.26
CA PRO C 168 2.71 -14.53 -26.10
C PRO C 168 2.88 -13.12 -26.66
N LEU C 169 2.54 -12.10 -25.87
CA LEU C 169 2.72 -10.74 -26.34
C LEU C 169 4.16 -10.36 -26.00
N LEU C 170 4.70 -9.36 -26.69
CA LEU C 170 6.07 -8.94 -26.47
C LEU C 170 6.19 -7.48 -26.08
N GLY C 171 7.01 -7.21 -25.07
CA GLY C 171 7.20 -5.85 -24.62
C GLY C 171 8.64 -5.56 -24.27
N CYS C 172 8.95 -4.28 -24.05
CA CYS C 172 10.28 -3.85 -23.69
C CYS C 172 10.20 -2.63 -22.78
N THR C 173 10.98 -2.63 -21.72
CA THR C 173 11.00 -1.49 -20.79
C THR C 173 12.09 -0.55 -21.30
N ILE C 174 11.75 0.72 -21.44
CA ILE C 174 12.71 1.70 -21.93
C ILE C 174 13.85 1.95 -20.95
N LYS C 175 15.08 1.84 -21.44
CA LYS C 175 16.29 2.07 -20.65
C LYS C 175 17.13 3.12 -21.36
N PRO C 176 17.91 3.91 -20.61
CA PRO C 176 18.02 3.81 -19.14
C PRO C 176 16.73 4.24 -18.47
N LYS C 177 16.47 3.65 -17.31
CA LYS C 177 15.30 3.95 -16.51
C LYS C 177 14.99 5.43 -16.48
N LEU C 178 15.91 6.21 -15.93
CA LEU C 178 15.74 7.66 -15.86
C LEU C 178 16.96 8.34 -16.46
N GLY C 179 16.79 9.62 -16.82
CA GLY C 179 17.89 10.36 -17.42
C GLY C 179 17.63 10.78 -18.85
N LEU C 180 16.68 10.14 -19.51
CA LEU C 180 16.35 10.47 -20.89
C LEU C 180 15.35 11.62 -20.96
N SER C 181 15.35 12.33 -22.08
CA SER C 181 14.40 13.41 -22.27
C SER C 181 13.11 12.76 -22.74
N ALA C 182 11.98 13.44 -22.58
CA ALA C 182 10.71 12.88 -23.00
C ALA C 182 10.80 12.45 -24.46
N LYS C 183 11.36 13.33 -25.30
CA LYS C 183 11.47 13.01 -26.72
C LYS C 183 12.40 11.82 -27.01
N ASN C 184 13.58 11.80 -26.39
CA ASN C 184 14.50 10.69 -26.64
C ASN C 184 13.85 9.39 -26.17
N TYR C 185 13.04 9.51 -25.12
CA TYR C 185 12.33 8.37 -24.56
C TYR C 185 11.36 7.84 -25.61
N GLY C 186 10.58 8.75 -26.21
CA GLY C 186 9.64 8.36 -27.24
C GLY C 186 10.31 7.78 -28.47
N ARG C 187 11.49 8.32 -28.78
CA ARG C 187 12.25 7.85 -29.93
C ARG C 187 12.54 6.36 -29.74
N ALA C 188 13.00 5.99 -28.55
CA ALA C 188 13.30 4.60 -28.24
C ALA C 188 12.03 3.75 -28.37
N CYS C 189 10.90 4.33 -27.96
CA CYS C 189 9.59 3.65 -28.05
C CYS C 189 9.30 3.26 -29.48
N TYR C 190 9.35 4.26 -30.35
CA TYR C 190 9.08 4.06 -31.76
C TYR C 190 9.94 2.99 -32.40
N GLU C 191 11.25 3.06 -32.19
CA GLU C 191 12.16 2.09 -32.78
C GLU C 191 11.88 0.67 -32.29
N CYS C 192 11.55 0.53 -31.00
CA CYS C 192 11.23 -0.78 -30.43
C CYS C 192 9.94 -1.35 -31.04
N LEU C 193 8.90 -0.53 -31.07
CA LEU C 193 7.61 -0.97 -31.60
C LEU C 193 7.62 -1.29 -33.10
N ARG C 194 8.30 -0.46 -33.90
CA ARG C 194 8.31 -0.70 -35.34
C ARG C 194 9.02 -1.99 -35.72
N GLY C 195 9.86 -2.49 -34.81
CA GLY C 195 10.59 -3.72 -35.07
C GLY C 195 9.85 -5.01 -34.76
N GLY C 196 8.66 -4.92 -34.17
CA GLY C 196 7.93 -6.14 -33.89
C GLY C 196 7.37 -6.34 -32.49
N LEU C 197 7.69 -5.46 -31.55
CA LEU C 197 7.18 -5.60 -30.20
C LEU C 197 5.76 -5.04 -30.15
N ASP C 198 4.93 -5.61 -29.29
CA ASP C 198 3.55 -5.14 -29.16
C ASP C 198 3.50 -3.94 -28.24
N PHE C 199 4.38 -3.95 -27.23
CA PHE C 199 4.43 -2.88 -26.25
C PHE C 199 5.83 -2.42 -25.85
N THR C 200 5.89 -1.20 -25.35
CA THR C 200 7.10 -0.64 -24.77
C THR C 200 6.53 -0.17 -23.44
N ASP C 202 6.95 2.21 -19.47
CA ASP C 202 7.58 3.12 -18.53
C ASP C 202 8.11 2.26 -17.40
N ASP C 203 9.31 2.56 -16.92
CA ASP C 203 9.85 1.80 -15.81
C ASP C 203 8.96 2.14 -14.62
N GLU C 204 8.88 1.23 -13.65
CA GLU C 204 8.03 1.47 -12.49
C GLU C 204 8.34 2.79 -11.76
N ASN C 205 9.60 3.21 -11.80
CA ASN C 205 10.00 4.46 -11.13
C ASN C 205 9.68 5.70 -11.96
N VAL C 206 9.41 5.49 -13.25
CA VAL C 206 9.08 6.60 -14.13
C VAL C 206 7.62 7.01 -13.96
N ASN C 207 7.41 8.12 -13.27
CA ASN C 207 6.08 8.67 -13.05
C ASN C 207 6.17 10.07 -13.66
N SER C 208 6.64 11.03 -12.86
CA SER C 208 6.85 12.39 -13.34
C SER C 208 8.02 12.95 -12.53
N GLN C 209 9.06 13.39 -13.22
CA GLN C 209 10.24 13.91 -12.56
C GLN C 209 10.89 15.09 -13.29
N PRO C 210 11.84 15.78 -12.62
CA PRO C 210 12.53 16.92 -13.21
C PRO C 210 13.04 16.72 -14.65
N PHE C 211 13.67 15.58 -14.89
CA PHE C 211 14.20 15.31 -16.22
C PHE C 211 13.14 15.04 -17.29
N MET C 212 11.99 14.54 -16.86
CA MET C 212 10.94 14.20 -17.80
C MET C 212 9.58 14.23 -17.12
N ARG C 213 8.82 15.29 -17.39
CA ARG C 213 7.50 15.43 -16.80
C ARG C 213 6.54 14.51 -17.57
N TRP C 214 5.58 13.94 -16.84
CA TRP C 214 4.65 12.98 -17.44
C TRP C 214 3.89 13.40 -18.69
N ARG C 215 3.33 14.61 -18.71
CA ARG C 215 2.56 14.99 -19.88
C ARG C 215 3.40 15.03 -21.15
N ASP C 216 4.65 15.51 -21.03
CA ASP C 216 5.52 15.54 -22.19
C ASP C 216 5.79 14.12 -22.67
N ARG C 217 6.07 13.22 -21.73
CA ARG C 217 6.33 11.82 -22.09
C ARG C 217 5.12 11.20 -22.78
N PHE C 218 3.92 11.49 -22.28
CA PHE C 218 2.69 10.95 -22.88
C PHE C 218 2.57 11.40 -24.33
N VAL C 219 2.81 12.68 -24.59
CA VAL C 219 2.73 13.23 -25.94
C VAL C 219 3.69 12.54 -26.92
N PHE C 220 4.97 12.50 -26.58
CA PHE C 220 5.96 11.87 -27.47
C PHE C 220 5.75 10.37 -27.60
N CYS C 221 5.35 9.70 -26.53
CA CYS C 221 5.11 8.27 -26.59
C CYS C 221 3.91 7.98 -27.47
N ALA C 222 2.94 8.90 -27.46
CA ALA C 222 1.75 8.77 -28.28
C ALA C 222 2.15 8.87 -29.76
N GLU C 223 3.00 9.84 -30.09
CA GLU C 223 3.45 9.99 -31.48
C GLU C 223 4.15 8.70 -31.92
N ALA C 224 4.99 8.17 -31.04
CA ALA C 224 5.73 6.94 -31.32
C ALA C 224 4.80 5.74 -31.54
N ILE C 225 3.79 5.62 -30.69
CA ILE C 225 2.83 4.53 -30.79
C ILE C 225 2.14 4.53 -32.14
N TYR C 226 1.64 5.70 -32.53
CA TYR C 226 0.93 5.82 -33.80
C TYR C 226 1.84 5.75 -35.01
N LYS C 227 3.08 6.20 -34.87
CA LYS C 227 4.01 6.15 -35.99
C LYS C 227 4.36 4.69 -36.29
N SER C 228 4.66 3.92 -35.24
CA SER C 228 5.00 2.51 -35.39
C SER C 228 3.82 1.68 -35.87
N GLN C 229 2.62 2.02 -35.42
CA GLN C 229 1.42 1.30 -35.82
C GLN C 229 1.13 1.49 -37.30
N ALA C 230 1.23 2.73 -37.76
CA ALA C 230 0.98 3.03 -39.17
C ALA C 230 2.01 2.34 -40.04
N GLU C 231 3.25 2.28 -39.56
CA GLU C 231 4.34 1.66 -40.31
C GLU C 231 4.19 0.14 -40.46
N THR C 232 3.88 -0.53 -39.35
CA THR C 232 3.77 -1.99 -39.34
C THR C 232 2.40 -2.56 -39.68
N GLY C 233 1.34 -1.82 -39.37
CA GLY C 233 0.00 -2.29 -39.64
C GLY C 233 -0.58 -3.05 -38.46
N GLU C 234 0.21 -3.23 -37.40
CA GLU C 234 -0.25 -3.94 -36.20
C GLU C 234 -0.50 -2.94 -35.07
N ILE C 235 -1.50 -3.21 -34.24
CA ILE C 235 -1.83 -2.35 -33.12
C ILE C 235 -0.70 -2.31 -32.09
N LYS C 236 -0.32 -1.10 -31.69
CA LYS C 236 0.77 -0.90 -30.73
C LYS C 236 0.30 -0.18 -29.46
N GLY C 237 1.11 -0.28 -28.41
CA GLY C 237 0.79 0.38 -27.17
C GLY C 237 2.04 0.62 -26.35
N HIS C 238 1.92 1.52 -25.37
CA HIS C 238 3.03 1.85 -24.46
C HIS C 238 2.39 2.00 -23.10
N TYR C 239 2.82 1.20 -22.13
CA TYR C 239 2.23 1.31 -20.80
C TYR C 239 2.63 2.66 -20.19
N LEU C 240 1.73 3.62 -20.28
CA LEU C 240 1.96 4.95 -19.72
C LEU C 240 1.66 4.87 -18.23
N ASN C 241 2.70 5.07 -17.42
CA ASN C 241 2.57 5.00 -15.96
C ASN C 241 1.76 6.13 -15.35
N ALA C 242 0.66 5.79 -14.68
CA ALA C 242 -0.19 6.79 -14.05
C ALA C 242 0.02 6.83 -12.53
N THR C 243 0.93 5.98 -12.03
CA THR C 243 1.24 5.93 -10.62
C THR C 243 1.61 7.34 -10.18
N ALA C 244 1.04 7.81 -9.09
CA ALA C 244 1.31 9.18 -8.63
C ALA C 244 1.22 9.34 -7.11
N GLY C 245 1.52 10.54 -6.64
CA GLY C 245 1.48 10.81 -5.21
C GLY C 245 0.09 10.91 -4.64
N THR C 246 -0.87 11.32 -5.47
CA THR C 246 -2.25 11.46 -5.04
C THR C 246 -3.20 10.86 -6.07
N CYS C 247 -4.42 10.57 -5.65
CA CYS C 247 -5.41 10.02 -6.56
C CYS C 247 -5.79 11.02 -7.62
N GLU C 248 -5.76 12.31 -7.26
CA GLU C 248 -6.09 13.36 -8.21
C GLU C 248 -5.10 13.37 -9.38
N GLU C 249 -3.81 13.23 -9.08
CA GLU C 249 -2.77 13.20 -10.13
C GLU C 249 -2.88 11.93 -10.97
N MET C 250 -3.13 10.81 -10.31
CA MET C 250 -3.24 9.52 -10.99
C MET C 250 -4.34 9.56 -12.07
N ILE C 251 -5.52 10.03 -11.68
CA ILE C 251 -6.64 10.11 -12.62
C ILE C 251 -6.38 11.12 -13.73
N LYS C 252 -5.75 12.23 -13.38
CA LYS C 252 -5.42 13.26 -14.37
C LYS C 252 -4.56 12.67 -15.49
N ARG C 253 -3.64 11.79 -15.13
CA ARG C 253 -2.77 11.16 -16.11
C ARG C 253 -3.57 10.17 -16.95
N ALA C 254 -4.44 9.39 -16.32
CA ALA C 254 -5.26 8.43 -17.05
C ALA C 254 -6.16 9.20 -18.01
N VAL C 255 -6.68 10.34 -17.57
CA VAL C 255 -7.57 11.17 -18.40
C VAL C 255 -6.91 11.67 -19.69
N PHE C 256 -5.65 12.09 -19.60
CA PHE C 256 -4.97 12.56 -20.79
C PHE C 256 -4.68 11.38 -21.70
N ALA C 257 -4.36 10.22 -21.12
CA ALA C 257 -4.09 9.04 -21.94
C ALA C 257 -5.38 8.73 -22.72
N ARG C 258 -6.51 8.93 -22.05
CA ARG C 258 -7.82 8.71 -22.65
C ARG C 258 -7.99 9.67 -23.82
N GLU C 259 -7.67 10.94 -23.60
CA GLU C 259 -7.79 11.95 -24.66
C GLU C 259 -6.93 11.56 -25.85
N LEU C 260 -5.73 11.05 -25.58
CA LEU C 260 -4.80 10.66 -26.64
C LEU C 260 -5.26 9.44 -27.41
N GLY C 261 -6.25 8.75 -26.86
CA GLY C 261 -6.79 7.57 -27.52
C GLY C 261 -5.91 6.33 -27.51
N VAL C 262 -4.91 6.30 -26.64
CA VAL C 262 -4.02 5.15 -26.55
C VAL C 262 -4.72 3.98 -25.88
N PRO C 263 -4.26 2.75 -26.13
CA PRO C 263 -4.89 1.56 -25.55
C PRO C 263 -4.55 1.09 -24.13
N ILE C 264 -3.41 1.52 -23.58
CA ILE C 264 -3.02 1.00 -22.29
C ILE C 264 -2.25 1.93 -21.36
N VAL C 265 -2.53 1.82 -20.07
CA VAL C 265 -1.84 2.61 -19.05
C VAL C 265 -1.34 1.63 -17.99
N MET C 266 -0.55 2.12 -17.03
CA MET C 266 -0.03 1.24 -16.01
C MET C 266 -0.05 1.86 -14.62
N HIS C 267 0.05 1.01 -13.61
CA HIS C 267 0.05 1.43 -12.22
C HIS C 267 0.86 0.46 -11.36
N ASP C 268 1.57 0.99 -10.37
CA ASP C 268 2.34 0.15 -9.45
C ASP C 268 1.34 -0.02 -8.30
N TYR C 269 0.55 -1.09 -8.34
CA TYR C 269 -0.48 -1.27 -7.32
C TYR C 269 -0.11 -1.39 -5.86
N LEU C 270 1.06 -1.94 -5.55
CA LEU C 270 1.46 -2.06 -4.15
C LEU C 270 1.96 -0.75 -3.55
N THR C 271 2.75 0.01 -4.30
CA THR C 271 3.27 1.27 -3.79
C THR C 271 2.20 2.37 -3.85
N GLY C 272 1.33 2.29 -4.85
CA GLY C 272 0.26 3.25 -4.97
C GLY C 272 -0.82 2.88 -3.97
N GLY C 273 -1.08 1.59 -3.83
CA GLY C 273 -2.08 1.15 -2.87
C GLY C 273 -3.37 0.65 -3.49
N PHE C 274 -4.07 -0.22 -2.77
CA PHE C 274 -5.31 -0.81 -3.26
C PHE C 274 -6.47 0.16 -3.44
N THR C 275 -6.62 1.11 -2.52
CA THR C 275 -7.71 2.06 -2.65
C THR C 275 -7.55 2.82 -3.97
N ALA C 276 -6.33 3.25 -4.26
CA ALA C 276 -6.04 3.97 -5.49
C ALA C 276 -6.14 3.07 -6.71
N ASN C 277 -5.58 1.87 -6.62
CA ASN C 277 -5.64 0.95 -7.75
C ASN C 277 -7.08 0.63 -8.16
N THR C 278 -7.94 0.40 -7.17
CA THR C 278 -9.33 0.07 -7.48
C THR C 278 -10.01 1.21 -8.21
N SER C 279 -9.77 2.44 -7.77
CA SER C 279 -10.34 3.61 -8.43
C SER C 279 -9.85 3.67 -9.88
N LEU C 280 -8.57 3.39 -10.07
CA LEU C 280 -7.99 3.42 -11.41
C LEU C 280 -8.59 2.32 -12.27
N ALA C 281 -8.81 1.15 -11.68
CA ALA C 281 -9.38 0.03 -12.41
C ALA C 281 -10.79 0.40 -12.90
N HIS C 282 -11.53 1.09 -12.05
CA HIS C 282 -12.87 1.52 -12.41
C HIS C 282 -12.81 2.54 -13.55
N TYR C 283 -11.87 3.48 -13.46
CA TYR C 283 -11.75 4.48 -14.52
C TYR C 283 -11.44 3.78 -15.84
N CYS C 284 -10.51 2.83 -15.79
CA CYS C 284 -10.12 2.10 -17.00
C CYS C 284 -11.28 1.34 -17.62
N ARG C 285 -12.12 0.71 -16.79
CA ARG C 285 -13.29 -0.01 -17.29
C ARG C 285 -14.26 0.98 -17.95
N ASP C 286 -14.45 2.12 -17.30
CA ASP C 286 -15.36 3.14 -17.81
C ASP C 286 -14.87 3.82 -19.08
N ASN C 287 -13.57 3.74 -19.33
CA ASN C 287 -13.00 4.39 -20.50
C ASN C 287 -12.28 3.53 -21.52
N GLY C 288 -12.46 2.21 -21.43
CA GLY C 288 -11.86 1.31 -22.39
C GLY C 288 -10.34 1.18 -22.39
N LEU C 289 -9.70 1.53 -21.29
CA LEU C 289 -8.25 1.45 -21.20
C LEU C 289 -7.76 0.14 -20.58
N LEU C 290 -6.70 -0.44 -21.15
CA LEU C 290 -6.11 -1.65 -20.60
C LEU C 290 -5.24 -1.17 -19.46
N LEU C 291 -5.08 -1.99 -18.43
CA LEU C 291 -4.28 -1.63 -17.27
C LEU C 291 -3.17 -2.60 -16.94
N HIS C 292 -1.94 -2.18 -17.21
CA HIS C 292 -0.76 -3.01 -16.93
C HIS C 292 -0.37 -2.77 -15.48
N ILE C 293 -0.23 -3.84 -14.72
CA ILE C 293 0.11 -3.71 -13.30
C ILE C 293 1.52 -4.20 -12.97
N HIS C 294 2.32 -3.31 -12.38
CA HIS C 294 3.69 -3.64 -11.99
C HIS C 294 3.62 -3.93 -10.49
N ARG C 295 4.41 -4.89 -10.02
CA ARG C 295 4.39 -5.29 -8.61
C ARG C 295 5.52 -4.76 -7.73
N ALA C 296 5.99 -3.56 -8.02
CA ALA C 296 7.07 -2.94 -7.25
C ALA C 296 6.87 -3.09 -5.75
N MET C 297 7.96 -3.44 -5.06
CA MET C 297 8.02 -3.64 -3.61
C MET C 297 7.48 -4.98 -3.10
N HIS C 298 6.99 -5.83 -4.01
CA HIS C 298 6.43 -7.11 -3.59
C HIS C 298 7.42 -7.97 -2.78
N ALA C 299 8.70 -7.97 -3.17
CA ALA C 299 9.71 -8.76 -2.47
C ALA C 299 9.92 -8.38 -1.00
N VAL C 300 9.51 -7.16 -0.64
CA VAL C 300 9.65 -6.72 0.74
C VAL C 300 8.71 -7.58 1.59
N ILE C 301 7.66 -8.07 0.95
CA ILE C 301 6.62 -8.86 1.57
C ILE C 301 6.61 -10.36 1.27
N ASP C 302 6.90 -10.72 0.02
CA ASP C 302 6.83 -12.12 -0.39
C ASP C 302 8.11 -12.93 -0.57
N ARG C 303 9.25 -12.34 -0.27
CA ARG C 303 10.54 -13.03 -0.45
C ARG C 303 10.77 -14.19 0.52
N GLN C 304 10.76 -13.89 1.81
CA GLN C 304 11.03 -14.89 2.83
C GLN C 304 9.92 -15.90 3.08
N LYS C 305 10.30 -17.16 3.17
CA LYS C 305 9.36 -18.25 3.38
C LYS C 305 8.73 -18.28 4.77
N ASN C 306 9.42 -17.72 5.75
CA ASN C 306 8.93 -17.74 7.12
C ASN C 306 7.99 -16.61 7.52
N HIS C 307 8.10 -15.46 6.84
CA HIS C 307 7.28 -14.32 7.21
C HIS C 307 6.85 -13.46 6.03
N GLY C 308 5.64 -12.94 6.11
CA GLY C 308 5.12 -12.09 5.05
C GLY C 308 3.85 -12.61 4.43
N MET C 309 3.74 -12.45 3.12
CA MET C 309 2.58 -12.91 2.35
C MET C 309 3.11 -13.42 1.02
N HIS C 310 2.74 -14.64 0.65
CA HIS C 310 3.21 -15.19 -0.62
C HIS C 310 2.62 -14.39 -1.78
N PHE C 311 3.37 -14.29 -2.87
CA PHE C 311 2.88 -13.53 -4.01
C PHE C 311 1.51 -13.97 -4.52
N ARG C 312 1.17 -15.25 -4.42
CA ARG C 312 -0.13 -15.70 -4.90
C ARG C 312 -1.27 -14.96 -4.20
N VAL C 313 -1.03 -14.52 -2.96
CA VAL C 313 -2.05 -13.77 -2.23
C VAL C 313 -2.13 -12.38 -2.86
N LEU C 314 -0.97 -11.78 -3.11
CA LEU C 314 -0.91 -10.45 -3.71
C LEU C 314 -1.46 -10.51 -5.14
N ALA C 315 -1.34 -11.67 -5.77
CA ALA C 315 -1.83 -11.86 -7.13
C ALA C 315 -3.35 -11.92 -7.15
N LYS C 316 -3.93 -12.68 -6.24
CA LYS C 316 -5.37 -12.79 -6.17
C LYS C 316 -5.96 -11.41 -5.85
N ALA C 317 -5.29 -10.69 -4.95
CA ALA C 317 -5.72 -9.36 -4.55
C ALA C 317 -5.77 -8.41 -5.73
N LEU C 318 -4.81 -8.53 -6.64
CA LEU C 318 -4.78 -7.66 -7.81
C LEU C 318 -5.89 -8.03 -8.78
N ARG C 319 -6.13 -9.32 -8.97
CA ARG C 319 -7.19 -9.74 -9.90
C ARG C 319 -8.52 -9.19 -9.39
N MET C 320 -8.70 -9.17 -8.08
CA MET C 320 -9.92 -8.66 -7.46
C MET C 320 -10.02 -7.13 -7.56
N SER C 321 -8.93 -6.46 -7.21
CA SER C 321 -8.89 -4.99 -7.25
C SER C 321 -9.00 -4.49 -8.69
N GLY C 322 -8.32 -5.17 -9.60
CA GLY C 322 -8.39 -4.79 -11.00
C GLY C 322 -7.09 -4.56 -11.74
N GLY C 323 -6.88 -5.35 -12.79
CA GLY C 323 -5.69 -5.23 -13.62
C GLY C 323 -5.80 -6.18 -14.81
N ASP C 324 -5.27 -5.78 -15.95
CA ASP C 324 -5.31 -6.61 -17.15
C ASP C 324 -4.01 -7.40 -17.35
N HIS C 325 -2.91 -6.85 -16.84
CA HIS C 325 -1.58 -7.48 -16.87
C HIS C 325 -1.05 -7.37 -15.44
N ILE C 326 -0.17 -8.29 -15.07
CA ILE C 326 0.50 -8.23 -13.78
C ILE C 326 1.83 -8.98 -13.89
N HIS C 327 2.90 -8.34 -13.45
CA HIS C 327 4.20 -8.97 -13.50
C HIS C 327 4.21 -10.21 -12.62
N ALA C 328 4.74 -11.30 -13.16
CA ALA C 328 4.78 -12.57 -12.44
C ALA C 328 6.19 -13.13 -12.31
N GLY C 329 7.18 -12.33 -12.72
CA GLY C 329 8.56 -12.75 -12.64
C GLY C 329 8.98 -13.61 -13.82
N THR C 330 9.99 -14.44 -13.61
CA THR C 330 10.49 -15.33 -14.66
C THR C 330 10.48 -16.78 -14.20
N GLU C 338 10.09 -23.76 -7.09
CA GLU C 338 9.96 -22.39 -7.67
C GLU C 338 9.13 -22.43 -8.95
N ARG C 339 9.51 -23.29 -9.89
CA ARG C 339 8.80 -23.41 -11.15
C ARG C 339 7.33 -23.78 -10.93
N GLU C 340 7.10 -24.82 -10.15
CA GLU C 340 5.74 -25.27 -9.88
C GLU C 340 4.92 -24.20 -9.17
N MET C 341 5.56 -23.47 -8.26
CA MET C 341 4.86 -22.41 -7.54
C MET C 341 4.38 -21.33 -8.49
N THR C 342 5.22 -20.97 -9.46
CA THR C 342 4.86 -19.94 -10.44
C THR C 342 3.69 -20.41 -11.30
N LEU C 343 3.77 -21.63 -11.81
CA LEU C 343 2.68 -22.17 -12.62
C LEU C 343 1.41 -22.16 -11.80
N GLY C 344 1.55 -22.38 -10.49
CA GLY C 344 0.41 -22.36 -9.61
C GLY C 344 -0.32 -21.04 -9.57
N PHE C 345 0.37 -19.95 -9.25
CA PHE C 345 -0.32 -18.67 -9.21
C PHE C 345 -0.65 -18.12 -10.58
N VAL C 346 -0.01 -18.65 -11.62
CA VAL C 346 -0.31 -18.21 -12.98
C VAL C 346 -1.73 -18.71 -13.26
N ASP C 347 -2.01 -19.96 -12.89
CA ASP C 347 -3.35 -20.52 -13.10
C ASP C 347 -4.35 -19.75 -12.26
N LEU C 348 -3.93 -19.38 -11.05
CA LEU C 348 -4.81 -18.63 -10.16
C LEU C 348 -5.15 -17.27 -10.76
N LEU C 349 -4.22 -16.74 -11.55
CA LEU C 349 -4.40 -15.44 -12.20
C LEU C 349 -5.20 -15.49 -13.49
N ARG C 350 -5.03 -16.58 -14.23
CA ARG C 350 -5.69 -16.74 -15.53
C ARG C 350 -6.98 -17.54 -15.63
N ASP C 351 -7.04 -18.67 -14.93
CA ASP C 351 -8.20 -19.55 -15.03
C ASP C 351 -9.44 -19.20 -14.23
N ASP C 352 -10.54 -19.86 -14.60
CA ASP C 352 -11.82 -19.65 -13.95
C ASP C 352 -11.95 -20.54 -12.71
N PHE C 353 -11.44 -21.76 -12.81
CA PHE C 353 -11.52 -22.71 -11.70
C PHE C 353 -10.16 -23.40 -11.51
N ILE C 354 -9.61 -23.27 -10.31
CA ILE C 354 -8.32 -23.87 -9.99
C ILE C 354 -8.44 -24.80 -8.79
N GLU C 355 -8.22 -26.08 -9.01
CA GLU C 355 -8.33 -27.06 -7.94
C GLU C 355 -7.11 -27.06 -7.03
N LYS C 356 -7.35 -27.34 -5.74
CA LYS C 356 -6.29 -27.41 -4.76
C LYS C 356 -5.17 -28.29 -5.27
N ASP C 357 -3.93 -27.88 -5.02
CA ASP C 357 -2.76 -28.63 -5.47
C ASP C 357 -1.56 -28.17 -4.64
N ARG C 358 -1.27 -28.91 -3.57
CA ARG C 358 -0.15 -28.56 -2.70
C ARG C 358 1.19 -28.51 -3.45
N ALA C 359 1.38 -29.41 -4.41
CA ALA C 359 2.60 -29.45 -5.18
C ALA C 359 2.86 -28.10 -5.85
N ARG C 360 1.78 -27.40 -6.19
CA ARG C 360 1.91 -26.10 -6.85
C ARG C 360 1.57 -24.92 -5.93
N GLY C 361 1.49 -25.17 -4.63
CA GLY C 361 1.18 -24.10 -3.69
C GLY C 361 -0.25 -23.63 -3.68
N ILE C 362 -1.15 -24.41 -4.28
CA ILE C 362 -2.57 -24.04 -4.29
C ILE C 362 -3.24 -24.71 -3.08
N PHE C 363 -3.36 -23.97 -1.99
CA PHE C 363 -3.94 -24.48 -0.74
C PHE C 363 -5.46 -24.61 -0.77
N PHE C 364 -6.12 -23.82 -1.60
CA PHE C 364 -7.57 -23.85 -1.69
C PHE C 364 -8.07 -23.92 -3.13
N THR C 365 -9.16 -24.66 -3.33
CA THR C 365 -9.76 -24.74 -4.65
C THR C 365 -10.34 -23.34 -4.83
N GLN C 366 -10.03 -22.70 -5.95
CA GLN C 366 -10.49 -21.34 -6.22
C GLN C 366 -11.41 -21.26 -7.43
N ASP C 367 -12.62 -20.75 -7.21
CA ASP C 367 -13.63 -20.60 -8.25
C ASP C 367 -13.86 -19.10 -8.44
N TRP C 368 -13.48 -18.57 -9.60
CA TRP C 368 -13.65 -17.15 -9.87
C TRP C 368 -14.99 -16.76 -10.49
N VAL C 369 -15.88 -17.74 -10.64
CA VAL C 369 -17.20 -17.52 -11.24
C VAL C 369 -17.25 -16.49 -12.37
N SER C 370 -16.42 -16.73 -13.38
CA SER C 370 -16.34 -15.91 -14.57
C SER C 370 -15.67 -14.55 -14.51
N MET C 371 -14.99 -14.24 -13.41
CA MET C 371 -14.28 -12.97 -13.35
C MET C 371 -13.15 -13.17 -14.35
N PRO C 372 -12.90 -12.20 -15.24
CA PRO C 372 -11.83 -12.31 -16.24
C PRO C 372 -10.46 -12.59 -15.63
N GLY C 373 -9.59 -13.21 -16.42
CA GLY C 373 -8.24 -13.51 -15.95
C GLY C 373 -7.31 -12.36 -16.24
N VAL C 374 -6.12 -12.42 -15.67
CA VAL C 374 -5.09 -11.39 -15.84
C VAL C 374 -3.93 -12.00 -16.61
N ILE C 375 -3.37 -11.27 -17.58
CA ILE C 375 -2.23 -11.82 -18.32
C ILE C 375 -0.97 -11.68 -17.48
N PRO C 376 -0.29 -12.80 -17.19
CA PRO C 376 0.95 -12.73 -16.40
C PRO C 376 2.09 -12.19 -17.26
N VAL C 377 2.95 -11.38 -16.67
CA VAL C 377 4.06 -10.79 -17.39
C VAL C 377 5.40 -11.33 -16.89
N ALA C 378 6.18 -11.91 -17.80
CA ALA C 378 7.49 -12.45 -17.45
C ALA C 378 8.57 -11.43 -17.79
N SER C 379 9.46 -11.14 -16.85
CA SER C 379 10.53 -10.19 -17.09
C SER C 379 11.69 -10.40 -16.13
N GLY C 380 12.88 -10.01 -16.58
CA GLY C 380 14.07 -10.16 -15.76
C GLY C 380 15.19 -10.98 -16.38
N GLY C 381 16.20 -10.29 -16.90
CA GLY C 381 17.35 -10.96 -17.50
C GLY C 381 17.12 -11.99 -18.60
N ILE C 382 16.04 -11.84 -19.35
CA ILE C 382 15.71 -12.76 -20.43
C ILE C 382 16.06 -12.20 -21.80
N HIS C 383 16.45 -13.10 -22.70
CA HIS C 383 16.81 -12.75 -24.07
C HIS C 383 16.37 -13.86 -25.02
N VAL C 384 16.66 -13.68 -26.30
CA VAL C 384 16.26 -14.65 -27.33
C VAL C 384 16.41 -16.13 -26.99
N TRP C 385 17.50 -16.51 -26.32
CA TRP C 385 17.70 -17.92 -25.99
C TRP C 385 16.71 -18.47 -24.96
N HIS C 386 15.97 -17.58 -24.28
CA HIS C 386 15.00 -18.00 -23.27
C HIS C 386 13.61 -18.16 -23.87
N MET C 387 13.43 -17.73 -25.11
CA MET C 387 12.13 -17.79 -25.78
C MET C 387 11.47 -19.18 -25.74
N PRO C 388 12.25 -20.24 -26.01
CA PRO C 388 11.68 -21.59 -26.00
C PRO C 388 11.10 -21.98 -24.63
N ALA C 389 11.88 -21.76 -23.58
CA ALA C 389 11.43 -22.09 -22.22
C ALA C 389 10.29 -21.19 -21.78
N LEU C 390 10.39 -19.90 -22.06
CA LEU C 390 9.35 -18.95 -21.69
C LEU C 390 8.03 -19.31 -22.36
N THR C 391 8.10 -19.63 -23.64
CA THR C 391 6.90 -19.98 -24.41
C THR C 391 6.29 -21.27 -23.87
N GLU C 392 7.14 -22.24 -23.57
CA GLU C 392 6.69 -23.53 -23.07
C GLU C 392 6.08 -23.48 -21.66
N ILE C 393 6.66 -22.67 -20.80
CA ILE C 393 6.18 -22.56 -19.42
C ILE C 393 4.90 -21.74 -19.26
N PHE C 394 4.86 -20.55 -19.86
CA PHE C 394 3.71 -19.66 -19.76
C PHE C 394 2.62 -19.89 -20.80
N GLY C 395 3.01 -20.32 -21.99
CA GLY C 395 2.03 -20.52 -23.04
C GLY C 395 1.71 -19.20 -23.71
N ASP C 396 0.72 -19.18 -24.59
CA ASP C 396 0.35 -17.96 -25.32
C ASP C 396 -0.15 -16.79 -24.49
N ASP C 397 -0.96 -17.06 -23.47
CA ASP C 397 -1.51 -16.00 -22.65
C ASP C 397 -0.54 -15.44 -21.63
N SER C 398 0.40 -14.65 -22.12
CA SER C 398 1.40 -14.03 -21.29
C SER C 398 2.05 -12.90 -22.07
N VAL C 399 2.86 -12.12 -21.37
CA VAL C 399 3.60 -11.04 -22.00
C VAL C 399 5.06 -11.30 -21.64
N LEU C 400 5.92 -11.34 -22.64
CA LEU C 400 7.35 -11.54 -22.39
C LEU C 400 7.99 -10.17 -22.57
N GLN C 401 8.43 -9.59 -21.45
CA GLN C 401 9.02 -8.25 -21.41
C GLN C 401 10.56 -8.26 -21.49
N PHE C 402 11.11 -7.75 -22.59
CA PHE C 402 12.56 -7.70 -22.81
C PHE C 402 13.17 -6.31 -22.69
N GLY C 403 13.92 -6.07 -21.61
CA GLY C 403 14.56 -4.77 -21.43
C GLY C 403 15.85 -4.71 -22.24
N GLY C 404 16.95 -5.11 -21.62
CA GLY C 404 18.22 -5.09 -22.31
C GLY C 404 18.21 -6.10 -23.44
N GLY C 405 17.25 -7.03 -23.39
CA GLY C 405 17.13 -8.05 -24.42
C GLY C 405 16.68 -7.46 -25.75
N THR C 406 16.41 -6.16 -25.75
CA THR C 406 15.98 -5.47 -26.95
C THR C 406 16.92 -4.29 -27.19
N LEU C 407 17.06 -3.45 -26.16
CA LEU C 407 17.91 -2.27 -26.23
C LEU C 407 19.39 -2.65 -26.25
N GLY C 408 19.69 -3.90 -25.93
CA GLY C 408 21.06 -4.36 -25.92
C GLY C 408 21.51 -4.91 -27.27
N HIS C 409 20.58 -5.07 -28.21
CA HIS C 409 20.95 -5.59 -29.52
C HIS C 409 22.00 -4.68 -30.13
N PRO C 410 23.06 -5.28 -30.70
CA PRO C 410 24.14 -4.51 -31.33
C PRO C 410 23.74 -3.58 -32.46
N TRP C 411 22.59 -3.82 -33.09
CA TRP C 411 22.13 -2.98 -34.19
C TRP C 411 21.04 -1.98 -33.81
N GLY C 412 20.66 -1.94 -32.54
CA GLY C 412 19.63 -1.01 -32.13
C GLY C 412 18.30 -1.62 -31.75
N ASN C 413 17.36 -0.77 -31.37
CA ASN C 413 16.03 -1.20 -30.93
C ASN C 413 15.16 -1.93 -31.94
N ALA C 414 15.08 -1.42 -33.17
CA ALA C 414 14.25 -2.06 -34.18
C ALA C 414 14.78 -3.47 -34.48
N PRO C 415 16.09 -3.61 -34.78
CA PRO C 415 16.64 -4.94 -35.06
C PRO C 415 16.50 -5.84 -33.82
N GLY C 416 16.63 -5.23 -32.64
CA GLY C 416 16.52 -5.98 -31.41
C GLY C 416 15.12 -6.51 -31.21
N ALA C 417 14.13 -5.68 -31.56
CA ALA C 417 12.73 -6.08 -31.45
C ALA C 417 12.44 -7.18 -32.48
N ALA C 418 12.99 -7.01 -33.68
CA ALA C 418 12.80 -7.99 -34.74
C ALA C 418 13.34 -9.35 -34.30
N ALA C 419 14.51 -9.37 -33.69
CA ALA C 419 15.12 -10.61 -33.24
C ALA C 419 14.23 -11.33 -32.22
N ASN C 420 13.65 -10.57 -31.29
CA ASN C 420 12.78 -11.17 -30.28
C ASN C 420 11.49 -11.67 -30.91
N ARG C 421 10.94 -10.89 -31.84
CA ARG C 421 9.70 -11.28 -32.51
C ARG C 421 9.94 -12.53 -33.35
N VAL C 422 11.06 -12.56 -34.07
CA VAL C 422 11.39 -13.73 -34.88
C VAL C 422 11.61 -14.95 -33.99
N ALA C 423 12.38 -14.78 -32.91
CA ALA C 423 12.65 -15.86 -31.99
C ALA C 423 11.36 -16.45 -31.44
N LEU C 424 10.46 -15.58 -31.01
CA LEU C 424 9.19 -16.02 -30.46
C LEU C 424 8.35 -16.77 -31.49
N GLU C 425 8.18 -16.18 -32.67
CA GLU C 425 7.36 -16.83 -33.69
C GLU C 425 7.96 -18.16 -34.15
N ALA C 426 9.29 -18.25 -34.11
CA ALA C 426 9.97 -19.48 -34.49
C ALA C 426 9.58 -20.56 -33.48
N CYS C 427 9.52 -20.18 -32.22
CA CYS C 427 9.15 -21.11 -31.15
C CYS C 427 7.68 -21.52 -31.30
N VAL C 428 6.82 -20.53 -31.54
CA VAL C 428 5.39 -20.78 -31.71
C VAL C 428 5.16 -21.77 -32.84
N GLN C 429 5.79 -21.51 -33.98
CA GLN C 429 5.65 -22.39 -35.14
C GLN C 429 6.07 -23.81 -34.77
N ALA C 430 7.23 -23.95 -34.15
CA ALA C 430 7.76 -25.25 -33.75
C ALA C 430 6.81 -25.98 -32.79
N ARG C 431 6.34 -25.27 -31.78
CA ARG C 431 5.43 -25.86 -30.81
C ARG C 431 4.15 -26.32 -31.51
N ASN C 432 3.61 -25.47 -32.38
CA ASN C 432 2.37 -25.80 -33.10
C ASN C 432 2.52 -27.04 -33.97
N GLU C 433 3.73 -27.30 -34.45
CA GLU C 433 3.98 -28.47 -35.29
C GLU C 433 4.15 -29.75 -34.47
N GLY C 434 4.20 -29.60 -33.15
CA GLY C 434 4.33 -30.76 -32.29
C GLY C 434 5.71 -30.97 -31.69
N ARG C 435 6.65 -30.07 -32.01
CA ARG C 435 8.00 -30.19 -31.48
C ARG C 435 8.07 -29.90 -29.99
N ASP C 436 9.08 -30.45 -29.33
CA ASP C 436 9.28 -30.28 -27.90
C ASP C 436 10.20 -29.10 -27.63
N LEU C 437 9.61 -27.96 -27.27
CA LEU C 437 10.39 -26.75 -27.01
C LEU C 437 11.43 -26.95 -25.91
N ALA C 438 11.13 -27.83 -24.96
CA ALA C 438 12.03 -28.11 -23.85
C ALA C 438 13.30 -28.84 -24.26
N ARG C 439 13.21 -29.68 -25.29
CA ARG C 439 14.37 -30.44 -25.75
C ARG C 439 14.95 -29.92 -27.06
N GLU C 440 14.15 -29.20 -27.84
CA GLU C 440 14.62 -28.69 -29.12
C GLU C 440 14.74 -27.17 -29.16
N GLY C 441 14.61 -26.53 -28.01
CA GLY C 441 14.71 -25.07 -27.93
C GLY C 441 15.88 -24.45 -28.66
N ASN C 442 17.10 -24.81 -28.26
CA ASN C 442 18.31 -24.26 -28.87
C ASN C 442 18.37 -24.53 -30.37
N GLU C 443 17.99 -25.72 -30.78
CA GLU C 443 18.00 -26.11 -32.19
C GLU C 443 17.00 -25.28 -32.99
N ILE C 444 15.91 -24.88 -32.35
CA ILE C 444 14.88 -24.08 -33.01
C ILE C 444 15.41 -22.67 -33.21
N ILE C 445 16.11 -22.14 -32.21
CA ILE C 445 16.68 -20.80 -32.31
C ILE C 445 17.81 -20.77 -33.34
N ARG C 446 18.68 -21.78 -33.30
CA ARG C 446 19.80 -21.83 -34.24
C ARG C 446 19.32 -21.84 -35.70
N SER C 447 18.24 -22.57 -35.96
CA SER C 447 17.69 -22.65 -37.30
C SER C 447 17.17 -21.29 -37.76
N ALA C 448 16.55 -20.56 -36.84
CA ALA C 448 16.01 -19.24 -37.18
C ALA C 448 17.12 -18.26 -37.51
N CYS C 449 18.27 -18.42 -36.87
CA CYS C 449 19.42 -17.54 -37.11
C CYS C 449 19.90 -17.65 -38.56
N LYS C 450 19.55 -18.75 -39.21
CA LYS C 450 19.96 -18.99 -40.59
C LYS C 450 19.35 -18.05 -41.61
N TRP C 451 18.13 -17.56 -41.36
CA TRP C 451 17.48 -16.64 -42.28
C TRP C 451 17.21 -15.27 -41.66
N SER C 452 17.46 -15.14 -40.35
CA SER C 452 17.24 -13.87 -39.67
C SER C 452 18.57 -13.27 -39.20
N PRO C 453 19.11 -12.32 -39.98
CA PRO C 453 20.39 -11.70 -39.61
C PRO C 453 20.26 -11.00 -38.26
N GLU C 454 19.08 -10.47 -37.98
CA GLU C 454 18.80 -9.79 -36.73
C GLU C 454 18.96 -10.74 -35.55
N LEU C 455 18.29 -11.89 -35.63
CA LEU C 455 18.38 -12.88 -34.56
C LEU C 455 19.81 -13.41 -34.44
N ALA C 456 20.45 -13.65 -35.58
CA ALA C 456 21.82 -14.15 -35.59
C ALA C 456 22.73 -13.23 -34.76
N ALA C 457 22.64 -11.94 -35.02
CA ALA C 457 23.46 -10.96 -34.30
C ALA C 457 23.16 -11.02 -32.79
N ALA C 458 21.89 -11.13 -32.46
CA ALA C 458 21.47 -11.19 -31.05
C ALA C 458 22.05 -12.42 -30.35
N CYS C 459 21.94 -13.58 -31.00
CA CYS C 459 22.44 -14.82 -30.42
C CYS C 459 23.94 -14.81 -30.20
N GLU C 460 24.67 -14.10 -31.04
CA GLU C 460 26.11 -14.03 -30.90
C GLU C 460 26.53 -13.32 -29.62
N ILE C 461 25.71 -12.37 -29.17
CA ILE C 461 26.03 -11.61 -27.97
C ILE C 461 25.52 -12.22 -26.66
N TRP C 462 24.34 -12.82 -26.68
CA TRP C 462 23.77 -13.39 -25.47
C TRP C 462 23.97 -14.88 -25.25
N LYS C 463 24.85 -15.50 -26.05
CA LYS C 463 25.17 -16.92 -25.94
C LYS C 463 23.98 -17.86 -25.67
N MET D 2 26.13 -3.91 -39.53
CA MET D 2 24.87 -3.46 -38.94
C MET D 2 23.82 -3.30 -40.04
N GLN D 3 22.63 -3.83 -39.81
CA GLN D 3 21.55 -3.76 -40.79
C GLN D 3 20.39 -2.91 -40.28
N VAL D 4 19.82 -2.10 -41.17
CA VAL D 4 18.70 -1.23 -40.82
C VAL D 4 17.36 -1.92 -41.11
N TRP D 5 16.50 -1.98 -40.11
CA TRP D 5 15.21 -2.63 -40.27
C TRP D 5 14.38 -1.82 -41.28
N PRO D 6 13.86 -2.50 -42.31
CA PRO D 6 13.04 -1.87 -43.36
C PRO D 6 11.89 -1.03 -42.84
N ILE D 7 11.59 0.06 -43.53
CA ILE D 7 10.49 0.94 -43.13
C ILE D 7 9.27 0.75 -44.02
N GLU D 8 9.45 0.07 -45.16
CA GLU D 8 8.35 -0.17 -46.09
C GLU D 8 8.41 -1.58 -46.68
N GLY D 9 7.30 -2.02 -47.27
CA GLY D 9 7.27 -3.33 -47.90
C GLY D 9 7.18 -4.51 -46.97
N ILE D 10 7.20 -4.28 -45.66
CA ILE D 10 7.10 -5.39 -44.72
C ILE D 10 6.03 -5.21 -43.65
N LYS D 11 4.85 -4.74 -44.05
CA LYS D 11 3.76 -4.56 -43.09
C LYS D 11 3.38 -5.96 -42.60
N LYS D 12 2.89 -6.04 -41.37
CA LYS D 12 2.58 -7.34 -40.78
C LYS D 12 1.13 -7.73 -40.55
N PHE D 13 0.93 -9.00 -40.20
CA PHE D 13 -0.39 -9.58 -39.98
C PHE D 13 -0.38 -10.42 -38.72
N GLU D 14 0.30 -9.91 -37.70
CA GLU D 14 0.39 -10.59 -36.42
C GLU D 14 1.12 -11.94 -36.45
N THR D 15 0.68 -12.88 -35.61
CA THR D 15 1.35 -14.18 -35.48
C THR D 15 1.76 -14.93 -36.75
N LEU D 16 3.06 -15.21 -36.81
CA LEU D 16 3.74 -15.93 -37.90
C LEU D 16 4.14 -15.04 -39.07
N SER D 17 3.74 -13.77 -39.05
CA SER D 17 4.05 -12.86 -40.14
C SER D 17 5.50 -12.38 -40.18
N TYR D 18 6.30 -12.76 -39.18
CA TYR D 18 7.71 -12.39 -39.17
C TYR D 18 8.58 -13.56 -39.63
N LEU D 19 7.94 -14.67 -39.98
CA LEU D 19 8.64 -15.85 -40.47
C LEU D 19 8.61 -15.75 -41.99
N PRO D 20 9.53 -16.44 -42.67
CA PRO D 20 9.53 -16.38 -44.13
C PRO D 20 8.20 -16.90 -44.65
N PRO D 21 7.87 -16.64 -45.93
CA PRO D 21 6.61 -17.12 -46.50
C PRO D 21 6.43 -18.60 -46.21
N LEU D 22 5.27 -18.98 -45.68
CA LEU D 22 5.00 -20.37 -45.35
C LEU D 22 4.73 -21.23 -46.59
N THR D 23 5.36 -22.39 -46.64
CA THR D 23 5.17 -23.32 -47.76
C THR D 23 3.83 -24.02 -47.53
N VAL D 24 3.34 -24.69 -48.56
CA VAL D 24 2.07 -25.40 -48.44
C VAL D 24 2.16 -26.40 -47.30
N GLU D 25 3.31 -27.05 -47.19
CA GLU D 25 3.55 -28.04 -46.15
C GLU D 25 3.51 -27.40 -44.76
N ASP D 26 4.18 -26.25 -44.62
CA ASP D 26 4.22 -25.55 -43.35
C ASP D 26 2.84 -25.03 -42.97
N LEU D 27 2.07 -24.63 -43.97
CA LEU D 27 0.72 -24.13 -43.76
C LEU D 27 -0.15 -25.27 -43.25
N LEU D 28 -0.05 -26.43 -43.91
CA LEU D 28 -0.83 -27.59 -43.50
C LEU D 28 -0.56 -27.94 -42.04
N LYS D 29 0.69 -27.82 -41.64
CA LYS D 29 1.07 -28.12 -40.25
C LYS D 29 0.34 -27.20 -39.28
N GLN D 30 0.24 -25.92 -39.62
CA GLN D 30 -0.44 -24.96 -38.75
C GLN D 30 -1.93 -25.26 -38.69
N ILE D 31 -2.49 -25.73 -39.81
CA ILE D 31 -3.90 -26.06 -39.87
C ILE D 31 -4.17 -27.30 -39.04
N GLU D 32 -3.27 -28.28 -39.12
CA GLU D 32 -3.37 -29.53 -38.38
C GLU D 32 -3.34 -29.23 -36.88
N TYR D 33 -2.57 -28.22 -36.49
CA TYR D 33 -2.46 -27.81 -35.10
C TYR D 33 -3.84 -27.42 -34.58
N LEU D 34 -4.57 -26.65 -35.38
CA LEU D 34 -5.92 -26.23 -34.99
C LEU D 34 -6.82 -27.44 -34.79
N LEU D 35 -6.82 -28.33 -35.77
CA LEU D 35 -7.65 -29.53 -35.72
C LEU D 35 -7.31 -30.42 -34.53
N ARG D 36 -6.02 -30.64 -34.29
CA ARG D 36 -5.61 -31.48 -33.16
C ARG D 36 -6.07 -30.84 -31.86
N SER D 37 -5.99 -29.50 -31.80
CA SER D 37 -6.38 -28.76 -30.60
C SER D 37 -7.89 -28.60 -30.50
N LYS D 38 -8.61 -29.23 -31.42
CA LYS D 38 -10.08 -29.16 -31.41
C LYS D 38 -10.62 -27.75 -31.61
N TRP D 39 -9.97 -26.97 -32.47
CA TRP D 39 -10.44 -25.62 -32.76
C TRP D 39 -11.02 -25.59 -34.15
N VAL D 40 -11.98 -24.69 -34.38
CA VAL D 40 -12.65 -24.58 -35.67
C VAL D 40 -11.96 -23.59 -36.60
N PRO D 41 -11.40 -24.08 -37.72
CA PRO D 41 -10.72 -23.19 -38.66
C PRO D 41 -11.72 -22.39 -39.50
N CYS D 42 -11.35 -21.17 -39.84
CA CYS D 42 -12.22 -20.31 -40.65
C CYS D 42 -11.34 -19.37 -41.45
N LEU D 43 -11.74 -19.09 -42.69
CA LEU D 43 -11.00 -18.18 -43.55
C LEU D 43 -11.61 -16.79 -43.53
N GLU D 44 -10.76 -15.78 -43.65
CA GLU D 44 -11.20 -14.38 -43.65
C GLU D 44 -10.41 -13.66 -44.73
N PHE D 45 -11.04 -12.73 -45.43
CA PHE D 45 -10.34 -12.00 -46.48
C PHE D 45 -10.66 -10.51 -46.47
N SER D 46 -9.79 -9.74 -47.12
CA SER D 46 -9.96 -8.29 -47.17
C SER D 46 -9.01 -7.70 -48.22
N LYS D 47 -9.42 -6.58 -48.82
CA LYS D 47 -8.59 -5.92 -49.81
C LYS D 47 -7.76 -4.84 -49.12
N VAL D 48 -8.07 -4.62 -47.84
CA VAL D 48 -7.36 -3.67 -46.99
C VAL D 48 -6.72 -4.58 -45.96
N GLY D 49 -5.40 -4.58 -45.89
CA GLY D 49 -4.73 -5.49 -44.97
C GLY D 49 -4.37 -5.03 -43.57
N PHE D 50 -4.58 -3.77 -43.24
CA PHE D 50 -4.17 -3.30 -41.92
C PHE D 50 -5.20 -2.47 -41.16
N VAL D 51 -4.95 -2.28 -39.87
CA VAL D 51 -5.86 -1.50 -39.05
C VAL D 51 -5.67 -0.02 -39.32
N TYR D 52 -6.72 0.75 -39.01
CA TYR D 52 -6.69 2.19 -39.18
C TYR D 52 -7.71 2.77 -38.22
N ARG D 53 -7.79 4.09 -38.14
CA ARG D 53 -8.76 4.72 -37.24
C ARG D 53 -9.47 5.83 -37.99
N GLU D 54 -10.68 5.53 -38.45
CA GLU D 54 -11.47 6.49 -39.21
C GLU D 54 -12.69 6.99 -38.46
N ASN D 55 -13.45 6.08 -37.87
CA ASN D 55 -14.67 6.46 -37.17
C ASN D 55 -14.52 6.88 -35.71
N HIS D 56 -13.37 6.59 -35.12
CA HIS D 56 -13.18 6.95 -33.73
C HIS D 56 -11.72 6.76 -33.33
N ARG D 57 -11.33 7.41 -32.24
CA ARG D 57 -9.96 7.32 -31.74
C ARG D 57 -9.95 7.12 -30.23
N SER D 58 -11.08 6.70 -29.68
CA SER D 58 -11.16 6.47 -28.23
C SER D 58 -10.39 5.19 -27.92
N PRO D 59 -9.94 5.03 -26.67
CA PRO D 59 -9.20 3.84 -26.25
C PRO D 59 -9.84 2.51 -26.66
N GLY D 60 -9.04 1.64 -27.27
CA GLY D 60 -9.53 0.34 -27.68
C GLY D 60 -10.33 0.31 -28.96
N TYR D 61 -10.61 1.46 -29.56
CA TYR D 61 -11.36 1.47 -30.81
C TYR D 61 -10.45 1.61 -32.03
N TYR D 62 -10.61 0.68 -32.97
CA TYR D 62 -9.85 0.68 -34.20
C TYR D 62 -10.73 0.15 -35.32
N ASP D 63 -10.51 0.64 -36.53
CA ASP D 63 -11.26 0.14 -37.68
C ASP D 63 -10.29 -0.85 -38.33
N GLY D 64 -10.77 -1.68 -39.24
CA GLY D 64 -9.89 -2.62 -39.90
C GLY D 64 -9.48 -3.86 -39.13
N ARG D 65 -10.06 -4.10 -37.96
CA ARG D 65 -9.73 -5.29 -37.20
C ARG D 65 -10.52 -6.44 -37.80
N TYR D 66 -11.81 -6.21 -38.03
CA TYR D 66 -12.66 -7.22 -38.66
C TYR D 66 -12.35 -7.28 -40.15
N TRP D 67 -12.35 -8.48 -40.69
CA TRP D 67 -12.16 -8.69 -42.12
C TRP D 67 -13.45 -9.39 -42.51
N THR D 68 -13.56 -9.85 -43.75
CA THR D 68 -14.79 -10.51 -44.19
C THR D 68 -14.66 -12.03 -44.09
N MET D 69 -15.69 -12.67 -43.57
CA MET D 69 -15.66 -14.13 -43.43
C MET D 69 -15.83 -14.83 -44.77
N TRP D 70 -15.02 -15.87 -44.99
CA TRP D 70 -15.12 -16.67 -46.19
C TRP D 70 -16.02 -17.84 -45.83
N LYS D 71 -17.24 -17.82 -46.33
CA LYS D 71 -18.22 -18.86 -46.04
C LYS D 71 -18.42 -18.93 -44.52
N LEU D 72 -18.32 -20.11 -43.93
CA LEU D 72 -18.52 -20.24 -42.48
C LEU D 72 -17.41 -21.05 -41.82
N PRO D 73 -17.34 -21.04 -40.48
CA PRO D 73 -16.29 -21.81 -39.79
C PRO D 73 -16.47 -23.26 -40.21
N MET D 74 -15.38 -23.97 -40.43
CA MET D 74 -15.44 -25.36 -40.85
C MET D 74 -15.60 -26.35 -39.69
N PHE D 75 -16.79 -26.32 -39.09
CA PHE D 75 -17.13 -27.20 -37.97
C PHE D 75 -17.03 -28.67 -38.37
N GLY D 76 -16.41 -29.47 -37.50
CA GLY D 76 -16.28 -30.89 -37.77
C GLY D 76 -15.18 -31.26 -38.75
N CYS D 77 -14.39 -30.27 -39.19
CA CYS D 77 -13.31 -30.54 -40.13
C CYS D 77 -12.24 -31.43 -39.49
N THR D 78 -11.82 -32.45 -40.23
CA THR D 78 -10.81 -33.37 -39.75
C THR D 78 -9.69 -33.55 -40.79
N ASP D 79 -9.85 -32.90 -41.94
CA ASP D 79 -8.88 -32.97 -43.02
C ASP D 79 -8.35 -31.58 -43.34
N ALA D 80 -7.10 -31.33 -42.97
CA ALA D 80 -6.47 -30.03 -43.20
C ALA D 80 -6.45 -29.62 -44.68
N THR D 81 -6.39 -30.60 -45.58
CA THR D 81 -6.35 -30.28 -47.01
C THR D 81 -7.67 -29.61 -47.40
N GLN D 82 -8.72 -29.92 -46.65
CA GLN D 82 -10.04 -29.34 -46.89
C GLN D 82 -9.93 -27.82 -46.74
N VAL D 83 -9.13 -27.38 -45.78
CA VAL D 83 -8.94 -25.96 -45.54
C VAL D 83 -8.16 -25.34 -46.71
N LEU D 84 -7.13 -26.03 -47.17
CA LEU D 84 -6.33 -25.53 -48.29
C LEU D 84 -7.22 -25.35 -49.53
N LYS D 85 -8.14 -26.30 -49.74
CA LYS D 85 -9.06 -26.25 -50.88
C LYS D 85 -9.79 -24.92 -50.87
N GLU D 86 -10.36 -24.56 -49.73
CA GLU D 86 -11.08 -23.31 -49.58
C GLU D 86 -10.15 -22.12 -49.81
N LEU D 87 -8.92 -22.24 -49.32
CA LEU D 87 -7.93 -21.17 -49.49
C LEU D 87 -7.72 -20.93 -50.98
N GLU D 88 -7.57 -22.01 -51.74
CA GLU D 88 -7.36 -21.87 -53.19
C GLU D 88 -8.59 -21.26 -53.84
N GLU D 89 -9.77 -21.62 -53.34
CA GLU D 89 -11.01 -21.11 -53.88
C GLU D 89 -11.08 -19.60 -53.66
N ALA D 90 -10.70 -19.18 -52.45
CA ALA D 90 -10.71 -17.76 -52.10
C ALA D 90 -9.73 -16.99 -52.97
N LYS D 91 -8.54 -17.54 -53.15
CA LYS D 91 -7.51 -16.89 -53.97
C LYS D 91 -7.99 -16.73 -55.41
N LYS D 92 -8.72 -17.71 -55.91
CA LYS D 92 -9.26 -17.67 -57.27
C LYS D 92 -10.30 -16.56 -57.42
N ALA D 93 -11.21 -16.51 -56.46
CA ALA D 93 -12.28 -15.52 -56.47
C ALA D 93 -11.81 -14.11 -56.12
N TYR D 94 -10.83 -14.03 -55.22
CA TYR D 94 -10.29 -12.75 -54.79
C TYR D 94 -8.76 -12.74 -54.79
N PRO D 95 -8.14 -12.80 -55.98
CA PRO D 95 -6.67 -12.80 -56.09
C PRO D 95 -6.04 -11.50 -55.62
N ASP D 96 -6.84 -10.44 -55.53
CA ASP D 96 -6.34 -9.14 -55.11
C ASP D 96 -6.66 -8.84 -53.64
N ALA D 97 -6.94 -9.89 -52.87
CA ALA D 97 -7.26 -9.71 -51.46
C ALA D 97 -6.35 -10.55 -50.56
N PHE D 98 -6.18 -10.09 -49.32
CA PHE D 98 -5.38 -10.82 -48.35
C PHE D 98 -6.31 -11.89 -47.77
N VAL D 99 -5.75 -13.05 -47.43
CA VAL D 99 -6.55 -14.11 -46.85
C VAL D 99 -5.84 -14.66 -45.63
N ARG D 100 -6.54 -14.72 -44.51
CA ARG D 100 -5.94 -15.25 -43.29
C ARG D 100 -6.79 -16.38 -42.74
N ILE D 101 -6.14 -17.26 -42.00
CA ILE D 101 -6.82 -18.39 -41.40
C ILE D 101 -6.94 -18.11 -39.91
N ILE D 102 -8.15 -18.22 -39.39
CA ILE D 102 -8.39 -17.99 -37.98
C ILE D 102 -8.99 -19.24 -37.36
N GLY D 103 -9.13 -19.24 -36.05
CA GLY D 103 -9.69 -20.40 -35.37
C GLY D 103 -10.53 -20.01 -34.18
N PHE D 104 -11.59 -20.79 -33.94
CA PHE D 104 -12.47 -20.55 -32.81
C PHE D 104 -12.51 -21.78 -31.91
N ASP D 105 -12.70 -21.53 -30.62
CA ASP D 105 -12.82 -22.61 -29.64
C ASP D 105 -14.16 -22.39 -28.98
N ASN D 106 -14.97 -23.45 -28.91
CA ASN D 106 -16.30 -23.33 -28.32
C ASN D 106 -16.33 -23.42 -26.79
N VAL D 107 -15.39 -24.16 -26.20
CA VAL D 107 -15.37 -24.31 -24.75
C VAL D 107 -14.98 -23.03 -24.02
N ARG D 108 -13.95 -22.34 -24.50
CA ARG D 108 -13.55 -21.09 -23.85
C ARG D 108 -14.19 -19.91 -24.61
N GLN D 109 -15.01 -20.26 -25.59
CA GLN D 109 -15.79 -19.31 -26.39
C GLN D 109 -15.11 -18.04 -26.90
N VAL D 110 -14.20 -18.19 -27.85
CA VAL D 110 -13.49 -17.03 -28.43
C VAL D 110 -12.65 -17.41 -29.64
N GLN D 111 -12.20 -16.39 -30.36
CA GLN D 111 -11.32 -16.59 -31.50
C GLN D 111 -9.99 -16.75 -30.78
N CYS D 112 -9.15 -17.65 -31.26
CA CYS D 112 -7.87 -17.89 -30.59
C CYS D 112 -6.68 -17.98 -31.54
N ILE D 113 -6.94 -18.03 -32.84
CA ILE D 113 -5.89 -18.12 -33.85
C ILE D 113 -6.11 -17.12 -34.98
N SER D 114 -5.01 -16.74 -35.63
CA SER D 114 -5.06 -15.84 -36.77
C SER D 114 -3.69 -15.66 -37.42
N PHE D 115 -3.54 -16.17 -38.64
CA PHE D 115 -2.28 -16.03 -39.36
C PHE D 115 -2.52 -15.87 -40.85
N ILE D 116 -1.74 -14.99 -41.47
CA ILE D 116 -1.87 -14.73 -42.89
C ILE D 116 -1.59 -16.01 -43.69
N ALA D 117 -2.40 -16.26 -44.71
CA ALA D 117 -2.22 -17.44 -45.54
C ALA D 117 -1.97 -17.08 -47.00
N TYR D 118 -2.31 -15.85 -47.38
CA TYR D 118 -2.12 -15.39 -48.75
C TYR D 118 -2.06 -13.87 -48.85
N LYS D 119 -1.09 -13.38 -49.63
CA LYS D 119 -0.93 -11.94 -49.86
C LYS D 119 -1.01 -11.70 -51.37
N PRO D 120 -1.80 -10.71 -51.80
CA PRO D 120 -1.94 -10.40 -53.22
C PRO D 120 -0.70 -9.76 -53.84
#